data_2HQ5
#
_entry.id   2HQ5
#
_cell.length_a   171.366
_cell.length_b   171.366
_cell.length_c   94.496
_cell.angle_alpha   90.00
_cell.angle_beta   90.00
_cell.angle_gamma   90.00
#
_symmetry.space_group_name_H-M   'P 42 21 2'
#
loop_
_entity.id
_entity.type
_entity.pdbx_description
1 polymer 'HTH-type transcriptional regulator qacR'
2 non-polymer 'SULFATE ION'
3 water water
#
_entity_poly.entity_id   1
_entity_poly.type   'polypeptide(L)'
_entity_poly.pdbx_seq_one_letter_code
;MNLKDKILGVAKELFIKNGYNATTTGEIVKLSESSKGNLYYHFKTKENLFLEILNIEESKWQEQWKKEQIKAKTNREKFY
LYNELSLTTEYYYPLQNAIIEFYTEYYKTNSINEKMNKLENKYIDAYHVIFKEGNLNGEWSINDVNAVSKIAANAVNGIV
TFTHEQNINERIKLMNKFSQIFLNGLSKHHHHHH
;
_entity_poly.pdbx_strand_id   B,D,A,E
#
loop_
_chem_comp.id
_chem_comp.type
_chem_comp.name
_chem_comp.formula
SO4 non-polymer 'SULFATE ION' 'O4 S -2'
#
# COMPACT_ATOMS: atom_id res chain seq x y z
N ASN A 2 42.93 24.11 18.83
CA ASN A 2 43.49 23.93 17.46
C ASN A 2 42.38 24.24 16.46
N LEU A 3 42.72 24.38 15.18
CA LEU A 3 41.71 24.68 14.16
C LEU A 3 41.49 23.50 13.20
N LYS A 4 42.55 23.04 12.55
CA LYS A 4 42.41 21.91 11.63
C LYS A 4 41.87 20.73 12.43
N ASP A 5 42.28 20.65 13.70
CA ASP A 5 41.85 19.59 14.57
C ASP A 5 40.66 20.06 15.40
N LYS A 6 39.94 21.04 14.85
CA LYS A 6 38.75 21.59 15.50
C LYS A 6 37.60 21.32 14.53
N ILE A 7 37.94 21.29 13.25
CA ILE A 7 36.99 21.01 12.18
C ILE A 7 36.70 19.51 12.24
N LEU A 8 37.78 18.73 12.22
CA LEU A 8 37.69 17.28 12.28
C LEU A 8 36.78 16.85 13.43
N GLY A 9 36.92 17.54 14.56
CA GLY A 9 36.11 17.23 15.71
C GLY A 9 34.63 17.48 15.49
N VAL A 10 34.32 18.36 14.55
CA VAL A 10 32.93 18.67 14.24
C VAL A 10 32.50 17.74 13.13
N ALA A 11 33.36 17.58 12.14
CA ALA A 11 33.06 16.69 11.02
C ALA A 11 32.74 15.31 11.58
N LYS A 12 33.64 14.80 12.42
CA LYS A 12 33.45 13.51 13.05
C LYS A 12 32.08 13.42 13.71
N GLU A 13 31.83 14.34 14.64
CA GLU A 13 30.57 14.38 15.38
C GLU A 13 29.33 14.45 14.49
N LEU A 14 29.41 15.23 13.42
CA LEU A 14 28.28 15.37 12.51
C LEU A 14 28.09 14.12 11.63
N PHE A 15 29.17 13.57 11.12
CA PHE A 15 29.09 12.37 10.30
C PHE A 15 28.49 11.23 11.12
N ILE A 16 28.71 11.27 12.43
CA ILE A 16 28.18 10.24 13.31
C ILE A 16 26.70 10.51 13.59
N LYS A 17 26.40 11.67 14.18
CA LYS A 17 25.02 12.04 14.48
C LYS A 17 24.17 11.93 13.22
N ASN A 18 24.48 12.74 12.22
CA ASN A 18 23.75 12.74 10.96
C ASN A 18 24.40 11.71 10.04
N GLY A 19 24.33 11.92 8.73
CA GLY A 19 24.96 10.97 7.83
C GLY A 19 26.09 11.62 7.09
N TYR A 20 26.55 10.99 6.01
CA TYR A 20 27.63 11.57 5.22
C TYR A 20 27.05 12.78 4.49
N ASN A 21 26.07 12.52 3.64
CA ASN A 21 25.41 13.58 2.88
C ASN A 21 24.78 14.56 3.86
N ALA A 22 24.00 14.03 4.78
CA ALA A 22 23.32 14.84 5.80
C ALA A 22 24.10 16.09 6.22
N THR A 23 25.37 15.94 6.54
CA THR A 23 26.19 17.08 6.94
C THR A 23 27.02 17.51 5.75
N THR A 24 27.02 18.80 5.46
CA THR A 24 27.78 19.32 4.32
C THR A 24 28.82 20.36 4.69
N THR A 25 29.71 20.62 3.73
CA THR A 25 30.78 21.58 3.87
C THR A 25 30.36 22.84 4.63
N GLY A 26 29.13 23.29 4.39
CA GLY A 26 28.65 24.47 5.08
C GLY A 26 28.42 24.22 6.55
N GLU A 27 27.54 23.26 6.84
CA GLU A 27 27.21 22.91 8.21
C GLU A 27 28.44 22.84 9.13
N ILE A 28 29.53 22.32 8.59
CA ILE A 28 30.78 22.20 9.35
C ILE A 28 31.21 23.60 9.77
N VAL A 29 31.46 24.44 8.77
CA VAL A 29 31.90 25.80 8.98
C VAL A 29 31.08 26.55 10.03
N LYS A 30 29.78 26.29 10.06
CA LYS A 30 28.91 26.95 11.04
C LYS A 30 29.37 26.66 12.46
N LEU A 31 29.26 25.40 12.88
CA LEU A 31 29.66 25.00 14.22
C LEU A 31 31.17 25.06 14.37
N SER A 32 31.89 24.58 13.36
CA SER A 32 33.35 24.58 13.38
C SER A 32 33.90 26.01 13.46
N GLU A 33 33.08 26.95 13.00
CA GLU A 33 33.46 28.37 13.00
C GLU A 33 34.76 28.67 12.25
N SER A 34 34.64 28.82 10.94
CA SER A 34 35.76 29.13 10.05
C SER A 34 35.18 29.62 8.72
N SER A 35 35.87 29.31 7.62
CA SER A 35 35.39 29.74 6.31
C SER A 35 35.53 28.64 5.27
N LYS A 36 35.83 29.05 4.05
CA LYS A 36 35.98 28.13 2.94
C LYS A 36 37.43 27.71 2.77
N GLY A 37 38.31 28.70 2.62
CA GLY A 37 39.73 28.44 2.44
C GLY A 37 40.23 27.29 3.28
N ASN A 38 39.96 27.35 4.58
CA ASN A 38 40.38 26.32 5.51
C ASN A 38 40.42 24.99 4.77
N LEU A 39 39.29 24.66 4.17
CA LEU A 39 39.14 23.43 3.42
C LEU A 39 39.79 23.62 2.04
N TYR A 40 41.12 23.57 1.99
CA TYR A 40 41.84 23.72 0.73
C TYR A 40 43.17 22.98 0.70
N TYR A 41 44.15 23.44 1.49
CA TYR A 41 45.48 22.81 1.54
C TYR A 41 45.41 21.35 2.00
N HIS A 42 45.19 21.14 3.30
CA HIS A 42 45.10 19.78 3.83
C HIS A 42 43.73 19.18 3.58
N PHE A 43 42.70 20.02 3.60
CA PHE A 43 41.33 19.56 3.38
C PHE A 43 40.83 19.91 1.97
N LYS A 44 41.14 19.01 1.03
CA LYS A 44 40.73 19.20 -0.37
C LYS A 44 39.20 19.22 -0.49
N THR A 45 38.65 18.06 -0.84
CA THR A 45 37.20 17.89 -1.02
C THR A 45 36.51 17.37 0.24
N LYS A 46 35.18 17.37 0.22
CA LYS A 46 34.40 16.87 1.35
C LYS A 46 34.80 15.43 1.61
N GLU A 47 34.86 14.63 0.55
CA GLU A 47 35.24 13.24 0.68
C GLU A 47 36.68 13.11 1.20
N ASN A 48 37.44 14.19 1.12
CA ASN A 48 38.82 14.20 1.59
C ASN A 48 38.81 14.36 3.11
N LEU A 49 38.01 15.30 3.59
CA LEU A 49 37.89 15.57 5.03
C LEU A 49 37.32 14.34 5.72
N PHE A 50 36.58 13.53 4.95
CA PHE A 50 35.97 12.32 5.48
C PHE A 50 37.02 11.23 5.54
N LEU A 51 37.56 10.83 4.39
CA LEU A 51 38.58 9.79 4.35
C LEU A 51 39.68 10.09 5.37
N GLU A 52 39.81 11.36 5.71
CA GLU A 52 40.81 11.77 6.69
C GLU A 52 40.37 11.18 8.02
N ILE A 53 39.20 11.59 8.48
CA ILE A 53 38.67 11.10 9.75
C ILE A 53 38.71 9.57 9.85
N LEU A 54 38.36 8.89 8.76
CA LEU A 54 38.36 7.44 8.78
C LEU A 54 39.75 6.94 9.08
N ASN A 55 40.76 7.70 8.65
CA ASN A 55 42.14 7.35 8.88
C ASN A 55 42.44 7.50 10.37
N ILE A 56 42.18 8.70 10.91
CA ILE A 56 42.39 8.98 12.33
C ILE A 56 41.76 7.86 13.14
N GLU A 57 40.43 7.92 13.22
CA GLU A 57 39.59 6.96 13.94
C GLU A 57 40.06 5.52 13.82
N GLU A 58 40.39 5.09 12.61
CA GLU A 58 40.83 3.71 12.42
C GLU A 58 42.12 3.51 13.20
N SER A 59 43.02 4.47 13.13
CA SER A 59 44.28 4.36 13.86
C SER A 59 44.06 4.39 15.37
N LYS A 60 43.21 5.30 15.83
CA LYS A 60 42.93 5.38 17.25
C LYS A 60 42.46 4.02 17.76
N TRP A 61 41.56 3.39 17.02
CA TRP A 61 41.03 2.09 17.41
C TRP A 61 42.11 1.00 17.44
N GLN A 62 42.87 0.91 16.36
CA GLN A 62 43.93 -0.09 16.25
C GLN A 62 44.98 0.08 17.33
N GLU A 63 45.12 1.31 17.80
CA GLU A 63 46.09 1.65 18.83
C GLU A 63 45.55 1.19 20.17
N GLN A 64 44.30 1.55 20.44
CA GLN A 64 43.63 1.17 21.66
C GLN A 64 43.59 -0.35 21.77
N TRP A 65 43.49 -1.03 20.64
CA TRP A 65 43.44 -2.49 20.64
C TRP A 65 44.76 -3.08 21.06
N LYS A 66 45.84 -2.52 20.55
CA LYS A 66 47.17 -3.01 20.87
C LYS A 66 47.48 -2.72 22.35
N LYS A 67 46.87 -1.68 22.90
CA LYS A 67 47.09 -1.36 24.31
C LYS A 67 46.26 -2.29 25.20
N GLU A 68 45.18 -2.83 24.65
CA GLU A 68 44.30 -3.70 25.42
C GLU A 68 44.40 -5.17 25.05
N GLN A 69 45.03 -5.49 23.93
CA GLN A 69 45.10 -6.89 23.51
C GLN A 69 45.94 -7.77 24.43
N ILE A 70 46.63 -7.14 25.38
CA ILE A 70 47.48 -7.85 26.32
C ILE A 70 46.69 -8.68 27.33
N LYS A 71 45.47 -8.23 27.63
CA LYS A 71 44.60 -8.93 28.56
C LYS A 71 44.21 -10.29 27.98
N ALA A 72 44.55 -10.53 26.72
CA ALA A 72 44.22 -11.81 26.08
C ALA A 72 45.50 -12.61 25.86
N LYS A 73 45.66 -13.67 26.63
CA LYS A 73 46.85 -14.52 26.58
C LYS A 73 47.01 -15.35 25.30
N THR A 74 45.95 -16.02 24.85
CA THR A 74 46.03 -16.81 23.61
C THR A 74 45.43 -16.02 22.45
N ASN A 75 45.74 -16.43 21.23
CA ASN A 75 45.18 -15.74 20.07
C ASN A 75 43.68 -16.05 20.01
N ARG A 76 43.31 -17.23 20.51
CA ARG A 76 41.91 -17.60 20.55
C ARG A 76 41.17 -16.56 21.42
N GLU A 77 41.83 -16.12 22.49
CA GLU A 77 41.24 -15.11 23.35
C GLU A 77 41.30 -13.74 22.68
N LYS A 78 42.39 -13.46 21.98
CA LYS A 78 42.51 -12.18 21.28
C LYS A 78 41.37 -12.02 20.26
N PHE A 79 40.99 -13.10 19.60
CA PHE A 79 39.90 -13.06 18.64
C PHE A 79 38.64 -12.60 19.38
N TYR A 80 38.25 -13.39 20.38
CA TYR A 80 37.08 -13.07 21.21
C TYR A 80 37.05 -11.64 21.72
N LEU A 81 38.19 -11.18 22.24
CA LEU A 81 38.32 -9.85 22.79
C LEU A 81 38.15 -8.73 21.78
N TYR A 82 38.85 -8.85 20.65
CA TYR A 82 38.77 -7.84 19.58
C TYR A 82 37.31 -7.62 19.17
N ASN A 83 36.61 -8.72 18.92
CA ASN A 83 35.22 -8.67 18.52
C ASN A 83 34.37 -7.99 19.61
N GLU A 84 34.59 -8.37 20.87
CA GLU A 84 33.86 -7.77 22.00
C GLU A 84 34.16 -6.27 22.12
N LEU A 85 35.45 -5.93 22.11
CA LEU A 85 35.86 -4.55 22.22
C LEU A 85 35.28 -3.71 21.09
N SER A 86 35.15 -4.33 19.92
CA SER A 86 34.60 -3.67 18.74
C SER A 86 33.21 -3.11 19.02
N LEU A 87 32.49 -3.73 19.95
CA LEU A 87 31.15 -3.30 20.29
C LEU A 87 31.14 -2.11 21.23
N THR A 88 32.25 -1.85 21.91
CA THR A 88 32.25 -0.77 22.89
C THR A 88 33.14 0.45 22.62
N THR A 89 34.11 0.31 21.72
CA THR A 89 34.98 1.45 21.40
C THR A 89 34.13 2.67 21.06
N GLU A 90 34.79 3.83 21.06
CA GLU A 90 34.15 5.07 20.68
C GLU A 90 34.80 5.38 19.36
N TYR A 91 35.67 4.46 18.95
CA TYR A 91 36.44 4.63 17.73
C TYR A 91 36.03 3.83 16.51
N TYR A 92 36.14 4.51 15.37
CA TYR A 92 35.88 3.97 14.04
C TYR A 92 34.54 3.29 13.77
N TYR A 93 34.14 2.32 14.59
CA TYR A 93 32.88 1.63 14.36
C TYR A 93 31.65 2.54 14.36
N PRO A 94 31.67 3.65 15.11
CA PRO A 94 30.54 4.57 15.16
C PRO A 94 30.37 5.36 13.85
N LEU A 95 31.12 4.96 12.84
CA LEU A 95 31.03 5.64 11.55
C LEU A 95 30.64 4.70 10.41
N GLN A 96 30.49 3.41 10.73
CA GLN A 96 30.13 2.45 9.71
C GLN A 96 28.91 2.89 8.90
N ASN A 97 27.86 3.37 9.58
CA ASN A 97 26.69 3.82 8.84
C ASN A 97 27.09 4.87 7.83
N ALA A 98 27.86 5.86 8.25
CA ALA A 98 28.31 6.91 7.34
C ALA A 98 29.21 6.32 6.25
N ILE A 99 30.01 5.32 6.58
CA ILE A 99 30.89 4.71 5.57
C ILE A 99 30.03 4.12 4.44
N ILE A 100 29.00 3.36 4.81
CA ILE A 100 28.11 2.72 3.84
C ILE A 100 27.55 3.78 2.88
N GLU A 101 26.86 4.76 3.45
CA GLU A 101 26.26 5.85 2.71
C GLU A 101 27.29 6.35 1.73
N PHE A 102 28.42 6.79 2.27
CA PHE A 102 29.52 7.30 1.47
C PHE A 102 29.94 6.35 0.37
N TYR A 103 30.29 5.13 0.74
CA TYR A 103 30.74 4.16 -0.25
C TYR A 103 29.74 3.94 -1.37
N THR A 104 28.45 4.12 -1.10
CA THR A 104 27.43 3.93 -2.12
C THR A 104 27.02 5.24 -2.76
N GLU A 105 27.94 6.20 -2.79
CA GLU A 105 27.64 7.51 -3.37
C GLU A 105 28.92 8.22 -3.81
N TYR A 106 29.99 7.45 -3.93
CA TYR A 106 31.28 7.99 -4.35
C TYR A 106 32.19 6.86 -4.81
N TYR A 107 31.62 5.67 -4.97
CA TYR A 107 32.37 4.51 -5.43
C TYR A 107 32.64 4.68 -6.92
N LYS A 108 32.54 5.92 -7.38
CA LYS A 108 32.74 6.26 -8.79
C LYS A 108 34.13 6.88 -8.99
N THR A 109 34.43 7.95 -8.25
CA THR A 109 35.72 8.63 -8.38
C THR A 109 36.88 7.63 -8.32
N ASN A 110 38.05 8.06 -8.77
CA ASN A 110 39.24 7.20 -8.79
C ASN A 110 40.25 7.56 -7.71
N SER A 111 39.79 7.67 -6.47
CA SER A 111 40.67 8.00 -5.36
C SER A 111 40.08 7.57 -4.02
N ASN A 113 38.02 4.70 -4.27
CA ASN A 113 38.11 3.26 -4.05
C ASN A 113 39.56 2.86 -3.87
N GLU A 114 40.41 3.86 -3.63
CA GLU A 114 41.83 3.65 -3.42
C GLU A 114 42.08 3.56 -1.91
N LYS A 115 41.36 4.37 -1.15
CA LYS A 115 41.46 4.37 0.30
C LYS A 115 40.66 3.19 0.82
N MET A 116 39.45 3.05 0.28
CA MET A 116 38.55 1.95 0.66
C MET A 116 39.26 0.60 0.50
N ASN A 117 40.40 0.61 -0.17
CA ASN A 117 41.16 -0.61 -0.38
C ASN A 117 42.56 -0.43 0.22
N LYS A 118 42.74 0.66 0.95
CA LYS A 118 44.00 0.96 1.62
C LYS A 118 43.71 0.98 3.11
N LEU A 119 42.51 1.45 3.42
CA LEU A 119 42.03 1.53 4.79
C LEU A 119 41.55 0.15 5.14
N GLU A 120 41.15 -0.61 4.12
CA GLU A 120 40.66 -1.96 4.34
C GLU A 120 41.75 -2.84 4.92
N ASN A 121 42.98 -2.65 4.47
CA ASN A 121 44.09 -3.45 4.96
C ASN A 121 44.37 -3.26 6.44
N LYS A 122 44.11 -2.05 6.94
CA LYS A 122 44.33 -1.75 8.36
C LYS A 122 43.17 -2.32 9.19
N TYR A 123 42.00 -2.38 8.56
CA TYR A 123 40.76 -2.86 9.14
C TYR A 123 40.76 -4.38 9.34
N ILE A 124 41.42 -5.09 8.44
CA ILE A 124 41.48 -6.54 8.51
C ILE A 124 42.84 -7.04 8.99
N ASP A 125 43.75 -6.11 9.26
CA ASP A 125 45.08 -6.48 9.69
C ASP A 125 45.10 -7.11 11.07
N ALA A 126 44.32 -6.56 11.99
CA ALA A 126 44.27 -7.12 13.34
C ALA A 126 43.90 -8.61 13.25
N TYR A 127 42.98 -8.95 12.34
CA TYR A 127 42.55 -10.34 12.18
C TYR A 127 43.63 -11.11 11.44
N HIS A 128 44.41 -10.41 10.63
CA HIS A 128 45.46 -11.06 9.89
C HIS A 128 46.52 -11.54 10.87
N VAL A 129 46.96 -10.62 11.71
CA VAL A 129 47.95 -10.92 12.74
C VAL A 129 47.44 -12.00 13.69
N ILE A 130 46.24 -11.81 14.21
CA ILE A 130 45.65 -12.78 15.12
C ILE A 130 45.60 -14.16 14.50
N PHE A 131 45.21 -14.25 13.24
CA PHE A 131 45.11 -15.55 12.59
C PHE A 131 46.47 -16.11 12.21
N LYS A 132 47.37 -15.25 11.77
CA LYS A 132 48.71 -15.68 11.38
C LYS A 132 49.44 -16.24 12.58
N GLU A 133 49.43 -15.47 13.67
CA GLU A 133 50.09 -15.85 14.92
C GLU A 133 49.50 -17.15 15.45
N GLY A 134 48.20 -17.32 15.24
CA GLY A 134 47.53 -18.52 15.68
C GLY A 134 48.10 -19.73 14.97
N ASN A 135 48.62 -19.53 13.77
CA ASN A 135 49.21 -20.62 13.01
C ASN A 135 50.56 -20.99 13.59
N LEU A 136 51.24 -19.99 14.11
CA LEU A 136 52.56 -20.17 14.71
C LEU A 136 52.44 -20.81 16.09
N ASN A 137 51.25 -20.77 16.68
CA ASN A 137 51.03 -21.34 17.99
C ASN A 137 50.23 -22.63 17.91
N GLY A 138 49.99 -23.09 16.68
CA GLY A 138 49.24 -24.31 16.49
C GLY A 138 47.82 -24.26 17.04
N GLU A 139 47.37 -23.07 17.44
CA GLU A 139 46.02 -22.92 17.97
C GLU A 139 45.02 -23.35 16.90
N TRP A 140 45.46 -23.26 15.65
CA TRP A 140 44.65 -23.65 14.51
C TRP A 140 45.54 -23.65 13.28
N SER A 141 44.99 -24.12 12.16
CA SER A 141 45.73 -24.15 10.92
C SER A 141 44.84 -23.68 9.79
N ILE A 142 45.08 -22.45 9.33
CA ILE A 142 44.31 -21.82 8.27
C ILE A 142 45.22 -21.56 7.07
N ASN A 143 44.88 -22.11 5.91
CA ASN A 143 45.71 -21.88 4.73
C ASN A 143 45.40 -20.52 4.12
N ASP A 144 44.11 -20.19 4.03
CA ASP A 144 43.64 -18.93 3.46
C ASP A 144 43.43 -17.82 4.50
N VAL A 145 44.51 -17.40 5.16
CA VAL A 145 44.40 -16.36 6.18
C VAL A 145 43.68 -15.11 5.67
N ASN A 146 44.19 -14.52 4.60
CA ASN A 146 43.61 -13.31 4.02
C ASN A 146 42.10 -13.42 3.84
N ALA A 147 41.66 -14.57 3.36
CA ALA A 147 40.23 -14.77 3.15
C ALA A 147 39.53 -14.69 4.51
N VAL A 148 39.92 -15.59 5.41
CA VAL A 148 39.33 -15.65 6.75
C VAL A 148 39.35 -14.30 7.43
N SER A 149 40.45 -13.57 7.28
CA SER A 149 40.55 -12.25 7.89
C SER A 149 39.42 -11.36 7.41
N LYS A 150 39.26 -11.29 6.09
CA LYS A 150 38.21 -10.48 5.48
C LYS A 150 36.82 -10.91 5.93
N ILE A 151 36.60 -12.21 5.94
CA ILE A 151 35.31 -12.73 6.34
C ILE A 151 34.98 -12.34 7.78
N ALA A 152 35.94 -12.52 8.67
CA ALA A 152 35.77 -12.19 10.09
C ALA A 152 35.52 -10.71 10.31
N ALA A 153 36.35 -9.87 9.70
CA ALA A 153 36.20 -8.43 9.86
C ALA A 153 34.81 -7.97 9.44
N ASN A 154 34.32 -8.48 8.32
CA ASN A 154 33.02 -8.06 7.84
C ASN A 154 31.88 -8.67 8.62
N ALA A 155 31.97 -9.95 8.95
CA ALA A 155 30.92 -10.60 9.71
C ALA A 155 30.76 -9.85 11.03
N VAL A 156 31.89 -9.55 11.67
CA VAL A 156 31.86 -8.86 12.95
C VAL A 156 31.31 -7.47 12.80
N ASN A 157 31.80 -6.74 11.80
CA ASN A 157 31.34 -5.38 11.56
C ASN A 157 29.82 -5.38 11.38
N GLY A 158 29.30 -6.48 10.86
CA GLY A 158 27.87 -6.59 10.64
C GLY A 158 27.10 -6.74 11.93
N ILE A 159 27.62 -7.57 12.82
CA ILE A 159 27.00 -7.83 14.11
C ILE A 159 27.04 -6.57 14.97
N VAL A 160 28.08 -5.77 14.80
CA VAL A 160 28.23 -4.54 15.54
C VAL A 160 27.32 -3.46 15.00
N THR A 161 27.25 -3.36 13.68
CA THR A 161 26.46 -2.32 13.03
C THR A 161 24.96 -2.54 12.91
N PHE A 162 24.54 -3.75 12.57
CA PHE A 162 23.11 -4.04 12.41
C PHE A 162 22.38 -4.57 13.63
N THR A 163 22.93 -4.33 14.82
CA THR A 163 22.30 -4.73 16.07
C THR A 163 22.40 -3.53 17.01
N HIS A 164 22.87 -2.40 16.47
CA HIS A 164 23.02 -1.15 17.23
C HIS A 164 21.66 -0.52 17.51
N GLU A 165 20.78 -1.35 18.07
CA GLU A 165 19.42 -0.94 18.41
C GLU A 165 18.84 -1.92 19.44
N GLN A 166 19.62 -2.21 20.47
CA GLN A 166 19.20 -3.14 21.51
C GLN A 166 20.19 -3.23 22.66
N ASN A 167 19.77 -3.87 23.74
CA ASN A 167 20.58 -4.07 24.94
C ASN A 167 22.00 -4.44 24.54
N ILE A 168 22.98 -3.75 25.12
CA ILE A 168 24.38 -3.99 24.81
C ILE A 168 24.97 -5.27 25.43
N ASN A 169 24.27 -5.85 26.39
CA ASN A 169 24.76 -7.08 27.00
C ASN A 169 24.26 -8.23 26.14
N GLU A 170 23.18 -7.96 25.42
CA GLU A 170 22.62 -8.94 24.50
C GLU A 170 23.60 -8.98 23.33
N ARG A 171 24.08 -7.80 22.95
CA ARG A 171 25.03 -7.62 21.86
C ARG A 171 26.30 -8.42 22.17
N ILE A 172 26.87 -8.14 23.33
CA ILE A 172 28.08 -8.81 23.77
C ILE A 172 27.91 -10.32 23.87
N LYS A 173 26.70 -10.77 24.15
CA LYS A 173 26.44 -12.20 24.27
C LYS A 173 26.57 -12.83 22.89
N LEU A 174 25.81 -12.27 21.93
CA LEU A 174 25.78 -12.73 20.54
C LEU A 174 27.17 -12.77 19.94
N MET A 175 27.88 -11.65 20.05
CA MET A 175 29.23 -11.54 19.51
C MET A 175 30.11 -12.67 20.00
N ASN A 176 29.94 -13.05 21.26
CA ASN A 176 30.73 -14.12 21.82
C ASN A 176 30.30 -15.48 21.29
N LYS A 177 29.00 -15.68 21.11
CA LYS A 177 28.52 -16.95 20.57
C LYS A 177 29.04 -16.98 19.13
N PHE A 178 29.14 -15.81 18.51
CA PHE A 178 29.65 -15.75 17.15
C PHE A 178 31.09 -16.24 17.16
N SER A 179 31.93 -15.53 17.92
CA SER A 179 33.37 -15.83 18.06
C SER A 179 33.60 -17.31 18.31
N GLN A 180 32.73 -17.89 19.12
CA GLN A 180 32.84 -19.30 19.43
C GLN A 180 32.64 -20.10 18.15
N ILE A 181 31.46 -19.97 17.56
CA ILE A 181 31.15 -20.70 16.33
C ILE A 181 32.21 -20.52 15.24
N PHE A 182 32.69 -19.30 15.04
CA PHE A 182 33.67 -19.06 14.01
C PHE A 182 34.91 -19.91 14.29
N LEU A 183 35.66 -19.52 15.32
CA LEU A 183 36.88 -20.22 15.72
C LEU A 183 36.70 -21.73 15.72
N ASN A 184 35.52 -22.18 16.09
CA ASN A 184 35.27 -23.61 16.11
C ASN A 184 35.20 -24.21 14.72
N GLY A 185 34.79 -23.40 13.75
CA GLY A 185 34.71 -23.90 12.38
C GLY A 185 36.04 -23.87 11.68
N LEU A 186 37.05 -23.28 12.31
CA LEU A 186 38.39 -23.17 11.73
C LEU A 186 39.30 -24.39 11.94
N SER A 187 39.19 -25.04 13.09
CA SER A 187 40.03 -26.20 13.38
C SER A 187 39.56 -27.46 12.67
N ASN B 2 -42.37 -16.70 13.90
CA ASN B 2 -41.24 -17.62 14.24
C ASN B 2 -40.18 -16.89 15.06
N LEU B 3 -38.91 -17.11 14.72
CA LEU B 3 -37.78 -16.48 15.39
C LEU B 3 -36.68 -16.28 14.34
N LYS B 4 -36.35 -17.34 13.62
CA LYS B 4 -35.33 -17.24 12.57
C LYS B 4 -35.79 -16.22 11.54
N ASP B 5 -37.07 -16.29 11.19
CA ASP B 5 -37.62 -15.36 10.22
C ASP B 5 -37.75 -13.97 10.83
N LYS B 6 -37.97 -13.94 12.14
CA LYS B 6 -38.07 -12.67 12.85
C LYS B 6 -36.79 -11.91 12.54
N ILE B 7 -35.67 -12.62 12.63
CA ILE B 7 -34.37 -12.02 12.35
C ILE B 7 -34.26 -11.63 10.88
N LEU B 8 -34.43 -12.60 9.99
CA LEU B 8 -34.35 -12.32 8.56
C LEU B 8 -35.08 -11.01 8.24
N GLY B 9 -36.22 -10.80 8.90
CA GLY B 9 -37.00 -9.60 8.68
C GLY B 9 -36.46 -8.35 9.35
N VAL B 10 -36.26 -8.40 10.66
CA VAL B 10 -35.73 -7.26 11.39
C VAL B 10 -34.45 -6.82 10.65
N ALA B 11 -33.56 -7.77 10.40
CA ALA B 11 -32.31 -7.47 9.71
C ALA B 11 -32.52 -6.81 8.35
N LYS B 12 -33.42 -7.37 7.56
CA LYS B 12 -33.69 -6.84 6.23
C LYS B 12 -34.06 -5.37 6.28
N GLU B 13 -34.93 -5.03 7.22
CA GLU B 13 -35.41 -3.67 7.39
C GLU B 13 -34.26 -2.75 7.80
N LEU B 14 -33.44 -3.22 8.73
CA LEU B 14 -32.29 -2.45 9.19
C LEU B 14 -31.28 -2.21 8.06
N PHE B 15 -31.02 -3.25 7.27
CA PHE B 15 -30.07 -3.12 6.17
C PHE B 15 -30.58 -2.13 5.13
N ILE B 16 -31.90 -1.92 5.10
CA ILE B 16 -32.55 -1.01 4.17
C ILE B 16 -32.44 0.42 4.69
N LYS B 17 -32.59 0.56 6.01
CA LYS B 17 -32.55 1.85 6.66
C LYS B 17 -31.15 2.41 6.93
N ASN B 18 -30.22 1.57 7.37
CA ASN B 18 -28.87 2.05 7.69
C ASN B 18 -27.76 1.49 6.81
N GLY B 19 -28.08 0.52 5.96
CA GLY B 19 -27.06 -0.06 5.12
C GLY B 19 -26.36 -1.18 5.88
N TYR B 20 -25.42 -1.86 5.21
CA TYR B 20 -24.72 -2.98 5.84
C TYR B 20 -23.81 -2.66 7.04
N ASN B 21 -22.83 -1.79 6.85
CA ASN B 21 -21.88 -1.43 7.91
C ASN B 21 -22.44 -0.80 9.19
N ALA B 22 -23.58 -0.12 9.11
CA ALA B 22 -24.12 0.52 10.31
C ALA B 22 -25.00 -0.39 11.17
N THR B 23 -25.44 -1.50 10.58
CA THR B 23 -26.27 -2.46 11.30
C THR B 23 -25.43 -3.56 11.92
N THR B 24 -25.50 -3.65 13.25
CA THR B 24 -24.74 -4.64 14.03
C THR B 24 -25.59 -5.85 14.42
N THR B 25 -24.96 -7.02 14.50
CA THR B 25 -25.71 -8.20 14.90
C THR B 25 -26.32 -7.85 16.25
N GLY B 26 -25.55 -7.10 17.04
CA GLY B 26 -26.06 -6.69 18.33
C GLY B 26 -27.46 -6.13 18.19
N GLU B 27 -27.61 -5.10 17.35
CA GLU B 27 -28.90 -4.46 17.12
C GLU B 27 -29.92 -5.38 16.44
N ILE B 28 -29.45 -6.25 15.54
CA ILE B 28 -30.33 -7.19 14.84
C ILE B 28 -31.07 -8.02 15.88
N VAL B 29 -30.28 -8.68 16.72
CA VAL B 29 -30.76 -9.53 17.79
C VAL B 29 -31.75 -8.88 18.75
N LYS B 30 -31.26 -7.96 19.60
CA LYS B 30 -32.11 -7.30 20.59
C LYS B 30 -33.36 -6.62 20.04
N LEU B 31 -33.38 -6.33 18.76
CA LEU B 31 -34.54 -5.68 18.16
C LEU B 31 -35.51 -6.73 17.62
N SER B 32 -35.02 -7.96 17.47
CA SER B 32 -35.83 -9.07 16.98
C SER B 32 -36.28 -9.97 18.13
N GLU B 33 -35.86 -9.63 19.34
CA GLU B 33 -36.23 -10.40 20.53
C GLU B 33 -35.47 -11.72 20.67
N SER B 34 -34.37 -11.85 19.94
CA SER B 34 -33.56 -13.07 19.97
C SER B 34 -32.27 -12.91 20.76
N SER B 35 -31.33 -13.81 20.51
CA SER B 35 -30.05 -13.80 21.19
C SER B 35 -28.94 -13.99 20.15
N LYS B 36 -27.84 -13.28 20.34
CA LYS B 36 -26.71 -13.36 19.41
C LYS B 36 -26.32 -14.81 19.11
N GLY B 37 -26.12 -15.61 20.15
CA GLY B 37 -25.75 -17.01 19.95
C GLY B 37 -26.74 -17.72 19.05
N ASN B 38 -27.99 -17.25 19.08
CA ASN B 38 -29.04 -17.84 18.26
C ASN B 38 -28.85 -17.46 16.79
N LEU B 39 -28.57 -16.18 16.54
CA LEU B 39 -28.35 -15.70 15.18
C LEU B 39 -27.22 -16.50 14.54
N TYR B 40 -26.19 -16.79 15.32
CA TYR B 40 -25.06 -17.56 14.83
C TYR B 40 -25.53 -18.99 14.61
N TYR B 41 -26.50 -19.40 15.43
CA TYR B 41 -27.06 -20.74 15.34
C TYR B 41 -27.75 -20.97 13.99
N HIS B 42 -28.51 -19.98 13.54
CA HIS B 42 -29.24 -20.08 12.27
C HIS B 42 -28.50 -19.59 11.01
N PHE B 43 -27.65 -18.59 11.15
CA PHE B 43 -26.95 -18.06 9.98
C PHE B 43 -25.43 -18.04 10.03
N LYS B 44 -24.87 -18.25 11.23
CA LYS B 44 -23.41 -18.27 11.44
C LYS B 44 -22.87 -16.86 11.66
N THR B 45 -22.71 -16.13 10.54
CA THR B 45 -22.18 -14.78 10.55
C THR B 45 -23.10 -13.75 9.90
N LYS B 46 -22.99 -12.49 10.34
CA LYS B 46 -23.82 -11.43 9.78
C LYS B 46 -23.63 -11.43 8.27
N GLU B 47 -22.38 -11.62 7.84
CA GLU B 47 -22.09 -11.63 6.42
C GLU B 47 -22.96 -12.68 5.74
N ASN B 48 -23.13 -13.81 6.41
CA ASN B 48 -23.93 -14.88 5.82
C ASN B 48 -25.41 -14.59 5.91
N LEU B 49 -25.83 -14.00 7.02
CA LEU B 49 -27.23 -13.62 7.21
C LEU B 49 -27.63 -12.75 6.03
N PHE B 50 -26.77 -11.77 5.73
CA PHE B 50 -27.00 -10.85 4.64
C PHE B 50 -27.07 -11.55 3.28
N LEU B 51 -26.17 -12.49 3.04
CA LEU B 51 -26.17 -13.21 1.77
C LEU B 51 -27.49 -13.97 1.62
N GLU B 52 -28.00 -14.49 2.72
CA GLU B 52 -29.27 -15.22 2.68
C GLU B 52 -30.40 -14.23 2.37
N ILE B 53 -30.50 -13.19 3.19
CA ILE B 53 -31.51 -12.15 3.01
C ILE B 53 -31.47 -11.72 1.54
N LEU B 54 -30.26 -11.59 1.02
CA LEU B 54 -30.06 -11.16 -0.34
C LEU B 54 -30.58 -12.15 -1.38
N ASN B 55 -30.54 -13.44 -1.04
CA ASN B 55 -31.04 -14.44 -1.97
C ASN B 55 -32.56 -14.42 -1.99
N ILE B 56 -33.17 -14.16 -0.84
CA ILE B 56 -34.62 -14.09 -0.76
C ILE B 56 -35.12 -12.98 -1.67
N GLU B 57 -34.60 -11.77 -1.49
CA GLU B 57 -35.01 -10.62 -2.29
C GLU B 57 -34.91 -10.94 -3.76
N GLU B 58 -33.77 -11.44 -4.18
CA GLU B 58 -33.57 -11.78 -5.58
C GLU B 58 -34.64 -12.75 -6.02
N SER B 59 -34.85 -13.77 -5.20
CA SER B 59 -35.84 -14.80 -5.46
C SER B 59 -37.26 -14.23 -5.56
N LYS B 60 -37.71 -13.51 -4.54
CA LYS B 60 -39.05 -12.95 -4.55
C LYS B 60 -39.26 -11.92 -5.64
N TRP B 61 -38.18 -11.35 -6.17
CA TRP B 61 -38.27 -10.35 -7.24
C TRP B 61 -38.27 -11.02 -8.61
N GLN B 62 -37.49 -12.08 -8.75
CA GLN B 62 -37.43 -12.80 -10.01
C GLN B 62 -38.78 -13.45 -10.22
N GLU B 63 -39.44 -13.75 -9.12
CA GLU B 63 -40.75 -14.39 -9.12
C GLU B 63 -41.81 -13.39 -9.54
N GLN B 64 -41.86 -12.27 -8.83
CA GLN B 64 -42.83 -11.22 -9.08
C GLN B 64 -42.78 -10.75 -10.53
N TRP B 65 -41.59 -10.70 -11.13
CA TRP B 65 -41.46 -10.28 -12.52
C TRP B 65 -41.97 -11.37 -13.44
N LYS B 66 -41.83 -12.63 -13.01
CA LYS B 66 -42.28 -13.75 -13.81
C LYS B 66 -43.80 -13.67 -13.98
N LYS B 67 -44.48 -13.42 -12.87
CA LYS B 67 -45.93 -13.32 -12.86
C LYS B 67 -46.46 -12.06 -13.54
N GLU B 68 -45.67 -10.98 -13.53
CA GLU B 68 -46.12 -9.74 -14.12
C GLU B 68 -45.64 -9.47 -15.54
N GLN B 69 -44.62 -10.19 -15.98
CA GLN B 69 -44.08 -9.97 -17.32
C GLN B 69 -45.04 -10.40 -18.43
N ILE B 70 -46.08 -11.11 -18.03
CA ILE B 70 -47.08 -11.59 -18.98
C ILE B 70 -47.80 -10.44 -19.69
N LYS B 71 -48.23 -9.44 -18.92
CA LYS B 71 -48.94 -8.29 -19.43
C LYS B 71 -48.21 -7.46 -20.49
N ALA B 72 -47.07 -7.97 -20.97
CA ALA B 72 -46.30 -7.29 -22.00
C ALA B 72 -46.00 -8.29 -23.10
N LYS B 73 -46.71 -8.18 -24.22
CA LYS B 73 -46.53 -9.09 -25.34
C LYS B 73 -45.16 -9.04 -25.99
N THR B 74 -44.79 -7.91 -26.58
CA THR B 74 -43.50 -7.77 -27.23
C THR B 74 -42.40 -7.55 -26.20
N ASN B 75 -41.13 -7.71 -26.60
CA ASN B 75 -40.03 -7.51 -25.67
C ASN B 75 -39.74 -6.03 -25.49
N ARG B 76 -40.04 -5.23 -26.51
CA ARG B 76 -39.85 -3.79 -26.41
C ARG B 76 -40.70 -3.35 -25.20
N GLU B 77 -41.77 -4.08 -24.95
CA GLU B 77 -42.68 -3.77 -23.84
C GLU B 77 -42.18 -4.34 -22.52
N LYS B 78 -41.59 -5.53 -22.56
CA LYS B 78 -41.09 -6.13 -21.34
C LYS B 78 -39.96 -5.26 -20.76
N PHE B 79 -39.18 -4.64 -21.64
CA PHE B 79 -38.08 -3.78 -21.21
C PHE B 79 -38.67 -2.62 -20.40
N TYR B 80 -39.46 -1.78 -21.05
CA TYR B 80 -40.15 -0.64 -20.42
C TYR B 80 -40.74 -1.05 -19.07
N LEU B 81 -41.46 -2.18 -19.07
CA LEU B 81 -42.11 -2.69 -17.88
C LEU B 81 -41.16 -3.08 -16.74
N TYR B 82 -40.14 -3.88 -17.05
CA TYR B 82 -39.17 -4.29 -16.04
C TYR B 82 -38.62 -3.05 -15.33
N ASN B 83 -38.15 -2.10 -16.13
CA ASN B 83 -37.58 -0.86 -15.63
C ASN B 83 -38.55 -0.11 -14.74
N GLU B 84 -39.84 -0.19 -15.06
CA GLU B 84 -40.85 0.49 -14.27
C GLU B 84 -41.10 -0.24 -12.97
N LEU B 85 -41.28 -1.55 -13.05
CA LEU B 85 -41.54 -2.32 -11.84
C LEU B 85 -40.40 -2.16 -10.84
N SER B 86 -39.19 -1.99 -11.37
CA SER B 86 -38.00 -1.81 -10.52
C SER B 86 -38.15 -0.65 -9.54
N LEU B 87 -38.72 0.45 -10.04
CA LEU B 87 -38.93 1.65 -9.24
C LEU B 87 -40.00 1.50 -8.17
N THR B 88 -40.89 0.52 -8.33
CA THR B 88 -42.00 0.34 -7.40
C THR B 88 -42.08 -0.97 -6.63
N THR B 89 -41.26 -1.95 -6.98
CA THR B 89 -41.28 -3.21 -6.25
C THR B 89 -40.70 -2.97 -4.87
N GLU B 90 -40.91 -3.91 -3.97
CA GLU B 90 -40.37 -3.74 -2.62
C GLU B 90 -39.23 -4.72 -2.43
N TYR B 91 -38.94 -5.47 -3.51
CA TYR B 91 -37.89 -6.48 -3.46
C TYR B 91 -36.55 -6.11 -4.08
N TYR B 92 -35.47 -6.47 -3.41
CA TYR B 92 -34.12 -6.24 -3.92
C TYR B 92 -33.61 -4.81 -4.02
N TYR B 93 -34.10 -4.06 -5.00
CA TYR B 93 -33.67 -2.67 -5.19
C TYR B 93 -33.51 -1.82 -3.92
N PRO B 94 -34.31 -2.09 -2.87
CA PRO B 94 -34.17 -1.28 -1.64
C PRO B 94 -32.88 -1.60 -0.88
N LEU B 95 -32.29 -2.75 -1.14
CA LEU B 95 -31.05 -3.14 -0.48
C LEU B 95 -29.80 -2.73 -1.24
N GLN B 96 -29.97 -1.99 -2.32
CA GLN B 96 -28.84 -1.57 -3.15
C GLN B 96 -27.74 -0.87 -2.36
N ASN B 97 -28.13 0.01 -1.47
CA ASN B 97 -27.18 0.74 -0.67
C ASN B 97 -26.36 -0.23 0.17
N ALA B 98 -27.03 -1.21 0.76
CA ALA B 98 -26.35 -2.21 1.57
C ALA B 98 -25.52 -3.12 0.65
N ILE B 99 -26.02 -3.40 -0.56
CA ILE B 99 -25.31 -4.24 -1.51
C ILE B 99 -23.94 -3.64 -1.81
N ILE B 100 -23.93 -2.35 -2.09
CA ILE B 100 -22.68 -1.65 -2.39
C ILE B 100 -21.67 -1.76 -1.24
N GLU B 101 -22.09 -1.45 -0.02
CA GLU B 101 -21.18 -1.53 1.11
C GLU B 101 -20.68 -2.95 1.29
N PHE B 102 -21.60 -3.90 1.25
CA PHE B 102 -21.25 -5.30 1.43
C PHE B 102 -20.26 -5.82 0.40
N TYR B 103 -20.35 -5.33 -0.83
CA TYR B 103 -19.45 -5.78 -1.87
C TYR B 103 -18.05 -5.20 -1.70
N THR B 104 -17.97 -3.92 -1.37
CA THR B 104 -16.66 -3.33 -1.21
C THR B 104 -15.93 -3.98 -0.04
N GLU B 105 -16.68 -4.56 0.89
CA GLU B 105 -16.05 -5.19 2.04
C GLU B 105 -15.60 -6.63 1.81
N TYR B 106 -16.29 -7.37 0.95
CA TYR B 106 -15.90 -8.76 0.74
C TYR B 106 -15.50 -9.19 -0.68
N TYR B 107 -15.39 -8.26 -1.62
CA TYR B 107 -15.01 -8.67 -2.98
C TYR B 107 -13.61 -9.27 -2.97
N LYS B 108 -12.83 -8.86 -1.97
CA LYS B 108 -11.47 -9.34 -1.81
C LYS B 108 -11.55 -10.83 -1.51
N THR B 109 -12.11 -11.18 -0.35
CA THR B 109 -12.24 -12.59 0.02
C THR B 109 -12.99 -13.32 -1.11
N ASN B 110 -12.25 -14.13 -1.85
CA ASN B 110 -12.77 -14.88 -2.99
C ASN B 110 -14.02 -15.73 -2.74
N SER B 111 -14.16 -16.25 -1.53
CA SER B 111 -15.31 -17.08 -1.19
C SER B 111 -16.65 -16.41 -1.52
N ILE B 112 -16.93 -15.31 -0.83
CA ILE B 112 -18.16 -14.54 -1.01
C ILE B 112 -18.31 -14.08 -2.46
N ASN B 113 -17.26 -13.46 -2.99
CA ASN B 113 -17.29 -12.95 -4.36
C ASN B 113 -17.92 -13.95 -5.32
N GLU B 114 -17.67 -15.23 -5.09
CA GLU B 114 -18.23 -16.26 -5.96
C GLU B 114 -19.75 -16.17 -5.89
N LYS B 115 -20.30 -16.31 -4.68
CA LYS B 115 -21.75 -16.25 -4.46
C LYS B 115 -22.37 -14.96 -4.97
N MET B 116 -21.77 -13.83 -4.62
CA MET B 116 -22.29 -12.53 -5.07
C MET B 116 -22.34 -12.45 -6.59
N ASN B 117 -21.30 -12.95 -7.24
CA ASN B 117 -21.25 -12.94 -8.70
C ASN B 117 -22.32 -13.85 -9.28
N LYS B 118 -22.59 -14.95 -8.59
CA LYS B 118 -23.62 -15.88 -9.02
C LYS B 118 -24.92 -15.07 -9.03
N LEU B 119 -25.22 -14.49 -7.88
CA LEU B 119 -26.42 -13.67 -7.71
C LEU B 119 -26.52 -12.55 -8.74
N GLU B 120 -25.43 -11.80 -8.90
CA GLU B 120 -25.44 -10.70 -9.86
C GLU B 120 -25.80 -11.18 -11.26
N ASN B 121 -25.37 -12.38 -11.62
CA ASN B 121 -25.68 -12.89 -12.94
C ASN B 121 -27.18 -13.11 -13.07
N LYS B 122 -27.80 -13.60 -12.00
CA LYS B 122 -29.23 -13.84 -11.96
C LYS B 122 -29.97 -12.51 -12.22
N TYR B 123 -29.55 -11.45 -11.53
CA TYR B 123 -30.16 -10.14 -11.67
C TYR B 123 -30.10 -9.60 -13.10
N ILE B 124 -28.97 -9.81 -13.78
CA ILE B 124 -28.81 -9.31 -15.16
C ILE B 124 -29.53 -10.23 -16.17
N ASP B 125 -29.62 -11.50 -15.84
CA ASP B 125 -30.26 -12.50 -16.70
C ASP B 125 -31.56 -12.02 -17.34
N ALA B 126 -32.44 -11.46 -16.50
CA ALA B 126 -33.73 -10.94 -16.93
C ALA B 126 -33.55 -10.06 -18.18
N TYR B 127 -32.56 -9.18 -18.13
CA TYR B 127 -32.29 -8.30 -19.26
C TYR B 127 -31.77 -9.10 -20.43
N HIS B 128 -30.96 -10.12 -20.15
CA HIS B 128 -30.40 -10.98 -21.19
C HIS B 128 -31.54 -11.66 -21.93
N VAL B 129 -32.46 -12.23 -21.17
CA VAL B 129 -33.61 -12.89 -21.75
C VAL B 129 -34.37 -11.93 -22.67
N ILE B 130 -34.79 -10.79 -22.12
CA ILE B 130 -35.52 -9.77 -22.88
C ILE B 130 -34.79 -9.46 -24.19
N PHE B 131 -33.49 -9.23 -24.11
CA PHE B 131 -32.71 -8.91 -25.30
C PHE B 131 -32.54 -10.06 -26.29
N LYS B 132 -32.27 -11.26 -25.77
CA LYS B 132 -32.09 -12.42 -26.64
C LYS B 132 -33.37 -12.62 -27.44
N GLU B 133 -34.46 -12.96 -26.74
CA GLU B 133 -35.75 -13.16 -27.36
C GLU B 133 -36.10 -12.05 -28.34
N GLY B 134 -35.73 -10.83 -27.99
CA GLY B 134 -36.01 -9.71 -28.86
C GLY B 134 -35.31 -9.87 -30.19
N ASN B 135 -34.06 -10.33 -30.16
CA ASN B 135 -33.31 -10.54 -31.39
C ASN B 135 -34.04 -11.59 -32.20
N LEU B 136 -34.42 -12.67 -31.53
CA LEU B 136 -35.14 -13.76 -32.17
C LEU B 136 -36.45 -13.26 -32.78
N ASN B 137 -37.24 -12.51 -32.03
CA ASN B 137 -38.49 -11.98 -32.55
C ASN B 137 -38.23 -10.82 -33.48
N GLY B 138 -36.97 -10.63 -33.84
CA GLY B 138 -36.61 -9.54 -34.73
C GLY B 138 -37.14 -8.19 -34.31
N GLU B 139 -36.98 -7.84 -33.04
CA GLU B 139 -37.44 -6.55 -32.53
C GLU B 139 -36.28 -5.58 -32.62
N TRP B 140 -35.08 -6.16 -32.71
CA TRP B 140 -33.82 -5.41 -32.81
C TRP B 140 -32.70 -6.39 -33.13
N SER B 141 -31.54 -5.84 -33.49
CA SER B 141 -30.38 -6.68 -33.78
C SER B 141 -29.26 -6.25 -32.84
N ILE B 142 -28.95 -7.10 -31.86
CA ILE B 142 -27.90 -6.78 -30.90
C ILE B 142 -26.78 -7.81 -30.91
N ASN B 143 -25.59 -7.36 -31.34
CA ASN B 143 -24.42 -8.21 -31.43
C ASN B 143 -24.05 -8.81 -30.07
N ASP B 144 -23.55 -7.98 -29.16
CA ASP B 144 -23.20 -8.46 -27.83
C ASP B 144 -24.35 -8.18 -26.88
N VAL B 145 -24.99 -9.24 -26.43
CA VAL B 145 -26.12 -9.15 -25.51
C VAL B 145 -25.70 -9.03 -24.07
N ASN B 146 -24.65 -9.75 -23.69
CA ASN B 146 -24.16 -9.70 -22.32
C ASN B 146 -23.67 -8.29 -21.97
N ALA B 147 -23.27 -7.53 -22.99
CA ALA B 147 -22.79 -6.17 -22.79
C ALA B 147 -23.94 -5.22 -22.59
N VAL B 148 -24.97 -5.37 -23.42
CA VAL B 148 -26.14 -4.51 -23.29
C VAL B 148 -26.95 -4.95 -22.07
N SER B 149 -27.03 -6.25 -21.84
CA SER B 149 -27.76 -6.75 -20.67
C SER B 149 -27.13 -6.12 -19.43
N LYS B 150 -25.84 -5.82 -19.50
CA LYS B 150 -25.15 -5.23 -18.36
C LYS B 150 -25.35 -3.72 -18.35
N ILE B 151 -25.04 -3.05 -19.46
CA ILE B 151 -25.20 -1.61 -19.52
C ILE B 151 -26.60 -1.27 -19.04
N ALA B 152 -27.58 -2.00 -19.56
CA ALA B 152 -28.99 -1.85 -19.21
C ALA B 152 -29.22 -1.86 -17.70
N ALA B 153 -29.01 -3.03 -17.12
CA ALA B 153 -29.18 -3.26 -15.69
C ALA B 153 -28.55 -2.20 -14.79
N ASN B 154 -27.30 -1.86 -15.05
CA ASN B 154 -26.60 -0.88 -14.23
C ASN B 154 -27.12 0.54 -14.41
N ALA B 155 -27.48 0.90 -15.63
CA ALA B 155 -27.99 2.25 -15.85
C ALA B 155 -29.33 2.39 -15.13
N VAL B 156 -30.20 1.40 -15.30
CA VAL B 156 -31.52 1.43 -14.66
C VAL B 156 -31.38 1.46 -13.14
N ASN B 157 -30.58 0.53 -12.60
CA ASN B 157 -30.37 0.44 -11.16
C ASN B 157 -29.82 1.78 -10.66
N GLY B 158 -29.05 2.46 -11.51
CA GLY B 158 -28.52 3.76 -11.15
C GLY B 158 -29.69 4.73 -11.03
N ILE B 159 -30.58 4.75 -12.02
CA ILE B 159 -31.73 5.65 -11.98
C ILE B 159 -32.63 5.32 -10.81
N VAL B 160 -32.78 4.05 -10.50
CA VAL B 160 -33.63 3.65 -9.40
C VAL B 160 -33.09 4.05 -8.03
N THR B 161 -31.77 3.99 -7.84
CA THR B 161 -31.25 4.32 -6.53
C THR B 161 -30.62 5.69 -6.32
N PHE B 162 -30.36 6.44 -7.39
CA PHE B 162 -29.79 7.77 -7.21
C PHE B 162 -30.81 8.89 -7.46
N THR B 163 -32.08 8.53 -7.52
CA THR B 163 -33.16 9.49 -7.68
C THR B 163 -34.35 9.01 -6.85
N HIS B 164 -34.04 8.36 -5.72
CA HIS B 164 -35.04 7.84 -4.77
C HIS B 164 -35.62 9.00 -3.97
N GLU B 165 -35.17 10.19 -4.33
CA GLU B 165 -35.54 11.44 -3.69
C GLU B 165 -37.01 11.89 -3.75
N GLN B 166 -37.44 12.38 -4.91
CA GLN B 166 -38.80 12.91 -5.07
C GLN B 166 -39.93 11.96 -5.41
N ASN B 167 -40.92 12.58 -6.03
CA ASN B 167 -42.17 11.99 -6.52
C ASN B 167 -41.98 10.76 -7.41
N ILE B 168 -42.59 9.65 -7.01
CA ILE B 168 -42.47 8.41 -7.76
C ILE B 168 -43.06 8.47 -9.16
N ASN B 169 -43.93 9.44 -9.41
CA ASN B 169 -44.52 9.55 -10.74
C ASN B 169 -43.46 10.15 -11.63
N GLU B 170 -42.72 11.11 -11.10
CA GLU B 170 -41.66 11.74 -11.87
C GLU B 170 -40.60 10.70 -12.12
N ARG B 171 -40.34 9.85 -11.13
CA ARG B 171 -39.36 8.78 -11.26
C ARG B 171 -39.78 7.88 -12.44
N ILE B 172 -41.01 7.39 -12.43
CA ILE B 172 -41.49 6.55 -13.51
C ILE B 172 -41.49 7.29 -14.85
N LYS B 173 -41.75 8.58 -14.81
CA LYS B 173 -41.75 9.33 -16.06
C LYS B 173 -40.34 9.34 -16.63
N LEU B 174 -39.38 9.70 -15.78
CA LEU B 174 -37.97 9.76 -16.19
C LEU B 174 -37.48 8.39 -16.66
N MET B 175 -37.94 7.34 -16.00
CA MET B 175 -37.52 6.00 -16.34
C MET B 175 -37.95 5.62 -17.74
N ASN B 176 -39.18 5.93 -18.07
CA ASN B 176 -39.71 5.59 -19.38
C ASN B 176 -39.08 6.39 -20.50
N LYS B 177 -38.69 7.64 -20.21
CA LYS B 177 -38.03 8.44 -21.23
C LYS B 177 -36.70 7.72 -21.48
N PHE B 178 -36.12 7.17 -20.41
CA PHE B 178 -34.87 6.44 -20.52
C PHE B 178 -35.07 5.19 -21.37
N SER B 179 -36.01 4.35 -20.94
CA SER B 179 -36.29 3.10 -21.64
C SER B 179 -36.42 3.36 -23.14
N GLN B 180 -37.12 4.41 -23.49
CA GLN B 180 -37.30 4.76 -24.90
C GLN B 180 -35.96 5.11 -25.54
N ILE B 181 -35.32 6.16 -25.04
CA ILE B 181 -34.02 6.58 -25.57
C ILE B 181 -33.15 5.36 -25.84
N PHE B 182 -33.01 4.54 -24.80
CA PHE B 182 -32.19 3.34 -24.89
C PHE B 182 -32.58 2.44 -26.06
N LEU B 183 -33.85 2.01 -26.10
CA LEU B 183 -34.31 1.12 -27.18
C LEU B 183 -34.15 1.73 -28.56
N ASN B 184 -34.34 3.04 -28.67
CA ASN B 184 -34.19 3.70 -29.95
C ASN B 184 -32.73 3.95 -30.18
N GLY B 185 -31.91 3.13 -29.55
CA GLY B 185 -30.48 3.28 -29.70
C GLY B 185 -29.90 1.96 -30.12
N LEU B 186 -30.64 0.89 -29.89
CA LEU B 186 -30.16 -0.44 -30.23
C LEU B 186 -30.07 -0.75 -31.73
N SER B 187 -31.15 -0.54 -32.46
CA SER B 187 -31.12 -0.79 -33.91
C SER B 187 -31.47 0.47 -34.67
N ASN C 2 -6.30 -0.36 -4.39
CA ASN C 2 -5.68 -0.03 -5.72
C ASN C 2 -5.16 1.40 -5.84
N LEU C 3 -5.86 2.38 -5.31
CA LEU C 3 -5.33 3.74 -5.37
C LEU C 3 -4.15 3.71 -4.37
N LYS C 4 -4.30 2.89 -3.33
CA LYS C 4 -3.28 2.71 -2.32
C LYS C 4 -2.11 2.01 -3.00
N ASP C 5 -2.43 0.99 -3.80
CA ASP C 5 -1.42 0.22 -4.52
C ASP C 5 -0.72 1.05 -5.57
N LYS C 6 -1.48 1.94 -6.22
CA LYS C 6 -0.93 2.82 -7.24
C LYS C 6 0.09 3.74 -6.58
N ILE C 7 -0.22 4.19 -5.36
CA ILE C 7 0.71 5.07 -4.63
C ILE C 7 1.98 4.30 -4.28
N LEU C 8 1.83 3.15 -3.62
CA LEU C 8 3.00 2.35 -3.26
C LEU C 8 3.89 2.09 -4.50
N GLY C 9 3.25 1.72 -5.61
CA GLY C 9 3.99 1.47 -6.84
C GLY C 9 4.71 2.69 -7.40
N VAL C 10 3.97 3.79 -7.57
CA VAL C 10 4.58 5.01 -8.09
C VAL C 10 5.69 5.50 -7.17
N ALA C 11 5.43 5.42 -5.87
CA ALA C 11 6.37 5.86 -4.87
C ALA C 11 7.61 4.99 -4.91
N LYS C 12 7.45 3.68 -5.14
CA LYS C 12 8.63 2.81 -5.19
C LYS C 12 9.57 3.28 -6.29
N GLU C 13 9.02 3.55 -7.47
CA GLU C 13 9.82 4.01 -8.61
C GLU C 13 10.48 5.34 -8.34
N LEU C 14 9.71 6.30 -7.83
CA LEU C 14 10.27 7.59 -7.52
C LEU C 14 11.47 7.41 -6.59
N PHE C 15 11.28 6.66 -5.49
CA PHE C 15 12.38 6.42 -4.54
C PHE C 15 13.58 5.81 -5.26
N ILE C 16 13.32 4.83 -6.13
CA ILE C 16 14.38 4.20 -6.88
C ILE C 16 15.11 5.15 -7.83
N LYS C 17 14.36 6.03 -8.50
CA LYS C 17 14.97 6.97 -9.45
C LYS C 17 15.63 8.19 -8.83
N ASN C 18 15.09 8.69 -7.72
CA ASN C 18 15.63 9.88 -7.10
C ASN C 18 16.07 9.74 -5.64
N GLY C 19 15.89 8.57 -5.06
CA GLY C 19 16.29 8.40 -3.68
C GLY C 19 15.20 8.84 -2.71
N TYR C 20 15.34 8.43 -1.45
CA TYR C 20 14.35 8.77 -0.45
C TYR C 20 14.19 10.28 -0.21
N ASN C 21 15.25 10.93 0.21
CA ASN C 21 15.19 12.36 0.53
C ASN C 21 14.66 13.28 -0.56
N ALA C 22 15.06 13.06 -1.80
CA ALA C 22 14.62 13.90 -2.90
C ALA C 22 13.15 13.71 -3.27
N THR C 23 12.64 12.50 -3.10
CA THR C 23 11.25 12.20 -3.41
C THR C 23 10.32 12.93 -2.44
N THR C 24 9.27 13.57 -2.97
CA THR C 24 8.29 14.31 -2.14
C THR C 24 6.90 13.71 -2.23
N THR C 25 6.09 13.90 -1.18
CA THR C 25 4.73 13.35 -1.22
C THR C 25 3.95 14.05 -2.33
N GLY C 26 4.33 15.27 -2.66
CA GLY C 26 3.66 15.99 -3.73
C GLY C 26 3.80 15.21 -5.03
N GLU C 27 5.04 14.90 -5.39
CA GLU C 27 5.28 14.14 -6.62
C GLU C 27 4.46 12.87 -6.57
N ILE C 28 4.57 12.14 -5.48
CA ILE C 28 3.84 10.89 -5.32
C ILE C 28 2.35 11.09 -5.51
N VAL C 29 1.79 12.12 -4.87
CA VAL C 29 0.35 12.39 -4.97
C VAL C 29 -0.10 12.56 -6.42
N LYS C 30 0.55 13.45 -7.15
CA LYS C 30 0.17 13.69 -8.53
C LYS C 30 0.42 12.54 -9.51
N LEU C 31 1.60 11.93 -9.47
CA LEU C 31 1.90 10.85 -10.38
C LEU C 31 1.05 9.62 -10.16
N SER C 32 0.53 9.45 -8.95
CA SER C 32 -0.33 8.31 -8.68
C SER C 32 -1.77 8.77 -8.88
N GLU C 33 -1.92 10.06 -9.18
CA GLU C 33 -3.22 10.66 -9.40
C GLU C 33 -4.15 10.49 -8.20
N SER C 34 -3.55 10.60 -7.02
CA SER C 34 -4.29 10.46 -5.78
C SER C 34 -4.41 11.84 -5.12
N SER C 35 -4.18 11.93 -3.82
CA SER C 35 -4.28 13.22 -3.13
C SER C 35 -3.57 13.24 -1.78
N LYS C 36 -3.20 14.44 -1.33
CA LYS C 36 -2.53 14.58 -0.04
C LYS C 36 -3.37 13.90 1.04
N GLY C 37 -4.68 14.14 0.97
CA GLY C 37 -5.59 13.55 1.94
C GLY C 37 -5.59 12.04 1.94
N ASN C 38 -5.66 11.44 0.76
CA ASN C 38 -5.69 10.00 0.67
C ASN C 38 -4.35 9.44 1.15
N LEU C 39 -3.26 10.04 0.70
CA LEU C 39 -1.94 9.62 1.10
C LEU C 39 -1.81 9.64 2.63
N TYR C 40 -2.33 10.69 3.25
CA TYR C 40 -2.28 10.82 4.70
C TYR C 40 -3.05 9.70 5.35
N TYR C 41 -4.28 9.48 4.90
CA TYR C 41 -5.14 8.43 5.45
C TYR C 41 -4.55 7.03 5.36
N HIS C 42 -3.74 6.77 4.34
CA HIS C 42 -3.16 5.45 4.17
C HIS C 42 -1.83 5.28 4.86
N PHE C 43 -0.99 6.30 4.85
CA PHE C 43 0.33 6.16 5.45
C PHE C 43 0.78 7.27 6.39
N LYS C 44 -0.04 8.32 6.53
CA LYS C 44 0.31 9.43 7.41
C LYS C 44 1.60 10.15 6.99
N THR C 45 2.68 9.41 6.76
CA THR C 45 3.94 10.05 6.41
C THR C 45 4.77 9.38 5.33
N LYS C 46 5.78 10.11 4.84
CA LYS C 46 6.66 9.59 3.81
C LYS C 46 7.43 8.43 4.42
N GLU C 47 7.87 8.62 5.66
CA GLU C 47 8.62 7.59 6.37
C GLU C 47 7.77 6.35 6.48
N ASN C 48 6.51 6.54 6.83
CA ASN C 48 5.64 5.40 6.97
C ASN C 48 5.35 4.77 5.62
N LEU C 49 5.09 5.62 4.62
CA LEU C 49 4.85 5.14 3.28
C LEU C 49 6.02 4.22 2.88
N PHE C 50 7.23 4.72 3.09
CA PHE C 50 8.44 3.98 2.75
C PHE C 50 8.56 2.63 3.50
N LEU C 51 8.18 2.61 4.78
CA LEU C 51 8.25 1.37 5.55
C LEU C 51 7.27 0.34 4.99
N GLU C 52 6.16 0.84 4.45
CA GLU C 52 5.16 -0.04 3.85
C GLU C 52 5.77 -0.68 2.59
N ILE C 53 6.47 0.13 1.78
CA ILE C 53 7.14 -0.38 0.58
C ILE C 53 8.03 -1.53 1.01
N LEU C 54 8.91 -1.24 1.98
CA LEU C 54 9.85 -2.23 2.51
C LEU C 54 9.10 -3.49 2.95
N ASN C 55 7.95 -3.30 3.55
CA ASN C 55 7.14 -4.44 3.97
C ASN C 55 6.73 -5.27 2.76
N ILE C 56 6.22 -4.60 1.72
CA ILE C 56 5.80 -5.34 0.52
C ILE C 56 7.00 -6.11 -0.03
N GLU C 57 8.13 -5.41 -0.21
CA GLU C 57 9.35 -6.02 -0.72
C GLU C 57 9.75 -7.25 0.11
N GLU C 58 9.77 -7.11 1.43
CA GLU C 58 10.11 -8.23 2.28
C GLU C 58 9.21 -9.41 1.91
N SER C 59 7.90 -9.16 1.83
CA SER C 59 6.95 -10.21 1.46
C SER C 59 7.32 -10.86 0.14
N LYS C 60 7.71 -10.05 -0.84
CA LYS C 60 8.07 -10.58 -2.14
C LYS C 60 9.33 -11.42 -2.04
N TRP C 61 10.29 -10.98 -1.25
CA TRP C 61 11.53 -11.72 -1.08
C TRP C 61 11.20 -13.10 -0.52
N GLN C 62 10.42 -13.13 0.55
CA GLN C 62 10.04 -14.42 1.12
C GLN C 62 9.32 -15.29 0.11
N GLU C 63 8.42 -14.70 -0.67
CA GLU C 63 7.71 -15.49 -1.67
C GLU C 63 8.71 -16.03 -2.68
N GLN C 64 9.71 -15.21 -3.03
CA GLN C 64 10.73 -15.67 -3.97
C GLN C 64 11.54 -16.80 -3.37
N TRP C 65 11.93 -16.65 -2.11
CA TRP C 65 12.71 -17.66 -1.39
C TRP C 65 11.97 -19.00 -1.37
N LYS C 66 10.69 -18.95 -1.00
CA LYS C 66 9.85 -20.13 -0.92
C LYS C 66 10.03 -21.00 -2.15
N LYS C 67 10.09 -20.35 -3.30
CA LYS C 67 10.22 -21.01 -4.58
C LYS C 67 11.67 -21.40 -4.87
N GLU C 68 12.57 -20.46 -4.62
CA GLU C 68 13.98 -20.66 -4.86
C GLU C 68 14.62 -21.75 -4.00
N GLN C 69 14.18 -21.89 -2.75
CA GLN C 69 14.75 -22.87 -1.82
C GLN C 69 14.53 -24.33 -2.16
N ILE C 70 13.78 -24.60 -3.22
CA ILE C 70 13.54 -25.97 -3.63
C ILE C 70 14.83 -26.53 -4.26
N LYS C 71 15.64 -25.64 -4.81
CA LYS C 71 16.90 -26.04 -5.43
C LYS C 71 17.86 -26.57 -4.35
N ALA C 72 17.45 -26.48 -3.09
CA ALA C 72 18.31 -26.95 -2.00
C ALA C 72 17.63 -28.00 -1.15
N LYS C 73 18.02 -29.26 -1.35
CA LYS C 73 17.43 -30.39 -0.64
C LYS C 73 17.64 -30.40 0.87
N THR C 74 18.87 -30.21 1.30
CA THR C 74 19.18 -30.21 2.73
C THR C 74 19.32 -28.80 3.29
N ASN C 75 18.98 -28.63 4.57
CA ASN C 75 19.06 -27.34 5.22
C ASN C 75 20.45 -26.76 5.14
N ARG C 76 21.46 -27.63 5.18
CA ARG C 76 22.84 -27.20 5.06
C ARG C 76 22.95 -26.41 3.75
N GLU C 77 22.33 -26.95 2.70
CA GLU C 77 22.35 -26.31 1.41
C GLU C 77 21.51 -25.04 1.39
N LYS C 78 20.33 -25.08 2.00
CA LYS C 78 19.48 -23.89 2.04
C LYS C 78 20.29 -22.74 2.70
N PHE C 79 21.17 -23.09 3.62
CA PHE C 79 21.99 -22.08 4.27
C PHE C 79 22.92 -21.46 3.23
N TYR C 80 23.72 -22.30 2.59
CA TYR C 80 24.66 -21.83 1.54
C TYR C 80 23.92 -20.98 0.51
N LEU C 81 22.82 -21.52 -0.02
CA LEU C 81 22.02 -20.84 -1.03
C LEU C 81 21.47 -19.48 -0.59
N TYR C 82 20.82 -19.46 0.57
CA TYR C 82 20.24 -18.23 1.06
C TYR C 82 21.27 -17.09 1.18
N ASN C 83 22.43 -17.38 1.76
CA ASN C 83 23.46 -16.35 1.93
C ASN C 83 23.94 -15.87 0.58
N GLU C 84 24.06 -16.79 -0.35
CA GLU C 84 24.50 -16.44 -1.69
C GLU C 84 23.47 -15.50 -2.34
N LEU C 85 22.19 -15.85 -2.23
CA LEU C 85 21.10 -15.03 -2.76
C LEU C 85 21.11 -13.61 -2.18
N SER C 86 21.33 -13.51 -0.88
CA SER C 86 21.36 -12.24 -0.19
C SER C 86 22.43 -11.34 -0.77
N LEU C 87 23.56 -11.92 -1.14
CA LEU C 87 24.67 -11.14 -1.69
C LEU C 87 24.49 -10.82 -3.17
N THR C 88 24.17 -11.82 -3.97
CA THR C 88 24.01 -11.57 -5.40
C THR C 88 22.87 -10.63 -5.67
N THR C 89 21.69 -10.91 -5.12
CA THR C 89 20.57 -10.02 -5.39
C THR C 89 20.78 -8.56 -4.99
N GLU C 90 21.37 -8.30 -3.83
CA GLU C 90 21.56 -6.90 -3.46
C GLU C 90 22.52 -6.19 -4.41
N TYR C 91 23.42 -6.94 -5.03
CA TYR C 91 24.35 -6.31 -5.95
C TYR C 91 23.63 -5.46 -6.98
N TYR C 92 22.40 -5.84 -7.30
CA TYR C 92 21.62 -5.11 -8.28
C TYR C 92 20.21 -4.81 -7.82
N TYR C 93 20.07 -4.56 -6.52
CA TYR C 93 18.76 -4.22 -5.97
C TYR C 93 18.66 -2.72 -6.05
N PRO C 94 17.74 -2.21 -6.87
CA PRO C 94 17.50 -0.78 -7.08
C PRO C 94 17.12 0.00 -5.84
N LEU C 95 16.28 -0.56 -5.00
CA LEU C 95 15.86 0.16 -3.80
C LEU C 95 16.96 0.28 -2.78
N GLN C 96 17.97 -0.58 -2.89
CA GLN C 96 19.09 -0.59 -1.96
C GLN C 96 19.56 0.81 -1.56
N ASN C 97 19.71 1.66 -2.57
CA ASN C 97 20.18 3.01 -2.33
C ASN C 97 19.20 3.83 -1.49
N ALA C 98 17.90 3.63 -1.70
CA ALA C 98 16.90 4.37 -0.94
C ALA C 98 16.84 3.82 0.49
N ILE C 99 17.03 2.51 0.64
CA ILE C 99 17.02 1.91 1.97
C ILE C 99 18.16 2.54 2.80
N ILE C 100 19.37 2.55 2.25
CA ILE C 100 20.53 3.11 2.95
C ILE C 100 20.23 4.53 3.40
N GLU C 101 19.89 5.37 2.42
CA GLU C 101 19.58 6.76 2.68
C GLU C 101 18.57 6.84 3.85
N PHE C 102 17.54 6.01 3.79
CA PHE C 102 16.50 5.98 4.81
C PHE C 102 16.98 5.47 6.16
N TYR C 103 17.47 4.23 6.15
CA TYR C 103 17.98 3.57 7.33
C TYR C 103 18.96 4.46 8.09
N THR C 104 20.00 4.94 7.41
CA THR C 104 21.02 5.80 8.00
C THR C 104 20.57 7.25 8.15
N GLU C 105 19.31 7.43 8.49
CA GLU C 105 18.76 8.75 8.66
C GLU C 105 17.59 8.65 9.61
N TYR C 106 17.27 7.40 9.97
CA TYR C 106 16.17 7.13 10.89
C TYR C 106 16.54 6.12 11.97
N TYR C 107 17.81 5.72 12.02
CA TYR C 107 18.24 4.76 13.04
C TYR C 107 18.38 5.49 14.36
N LYS C 108 17.87 6.73 14.41
CA LYS C 108 17.93 7.52 15.63
C LYS C 108 16.54 7.71 16.26
N THR C 109 15.49 7.48 15.47
CA THR C 109 14.13 7.60 16.01
C THR C 109 13.62 6.21 16.39
N ASN C 110 13.07 6.10 17.58
CA ASN C 110 12.56 4.81 18.06
C ASN C 110 11.31 4.39 17.31
N SER C 111 10.50 5.36 16.94
CA SER C 111 9.26 5.10 16.21
C SER C 111 9.53 4.29 14.95
N ILE C 112 10.48 4.76 14.16
CA ILE C 112 10.85 4.11 12.91
C ILE C 112 11.79 2.92 13.11
N ASN C 113 12.81 3.08 13.93
CA ASN C 113 13.77 2.01 14.17
C ASN C 113 13.05 0.77 14.70
N GLU C 114 11.96 0.99 15.44
CA GLU C 114 11.18 -0.11 15.99
C GLU C 114 10.53 -0.95 14.89
N LYS C 115 9.85 -0.30 13.95
CA LYS C 115 9.18 -0.98 12.85
C LYS C 115 10.20 -1.62 11.90
N MET C 116 11.40 -1.07 11.86
CA MET C 116 12.46 -1.60 11.02
C MET C 116 13.00 -2.89 11.61
N ASN C 117 12.81 -3.08 12.91
CA ASN C 117 13.27 -4.29 13.56
C ASN C 117 12.27 -5.41 13.30
N LYS C 118 10.99 -5.09 13.34
CA LYS C 118 9.96 -6.10 13.06
C LYS C 118 10.21 -6.60 11.64
N LEU C 119 10.72 -5.69 10.80
CA LEU C 119 11.01 -5.98 9.41
C LEU C 119 12.21 -6.93 9.26
N GLU C 120 13.34 -6.59 9.88
CA GLU C 120 14.51 -7.43 9.80
C GLU C 120 14.18 -8.79 10.40
N ASN C 121 13.37 -8.78 11.46
CA ASN C 121 13.00 -10.03 12.10
C ASN C 121 12.44 -10.97 11.06
N LYS C 122 11.64 -10.44 10.14
CA LYS C 122 11.08 -11.27 9.08
C LYS C 122 12.24 -11.88 8.28
N TYR C 123 13.25 -11.07 8.00
CA TYR C 123 14.41 -11.56 7.26
C TYR C 123 15.10 -12.66 8.07
N ILE C 124 15.26 -12.43 9.37
CA ILE C 124 15.92 -13.40 10.24
C ILE C 124 15.12 -14.71 10.40
N ASP C 125 13.81 -14.64 10.26
CA ASP C 125 13.01 -15.84 10.41
C ASP C 125 13.51 -16.93 9.47
N ALA C 126 13.92 -16.53 8.27
CA ALA C 126 14.41 -17.46 7.27
C ALA C 126 15.49 -18.38 7.84
N TYR C 127 16.41 -17.79 8.60
CA TYR C 127 17.50 -18.55 9.19
C TYR C 127 16.95 -19.42 10.29
N HIS C 128 16.03 -18.85 11.07
CA HIS C 128 15.42 -19.57 12.16
C HIS C 128 14.80 -20.87 11.65
N VAL C 129 14.09 -20.79 10.53
CA VAL C 129 13.47 -21.97 9.96
C VAL C 129 14.52 -22.99 9.52
N ILE C 130 15.50 -22.53 8.76
CA ILE C 130 16.57 -23.40 8.30
C ILE C 130 17.19 -24.17 9.49
N PHE C 131 17.62 -23.47 10.52
CA PHE C 131 18.25 -24.10 11.68
C PHE C 131 17.36 -25.07 12.46
N LYS C 132 16.10 -24.69 12.68
CA LYS C 132 15.17 -25.55 13.39
C LYS C 132 14.97 -26.82 12.58
N GLU C 133 14.74 -26.66 11.28
CA GLU C 133 14.54 -27.79 10.39
C GLU C 133 15.80 -28.62 10.34
N GLY C 134 16.94 -27.96 10.52
CA GLY C 134 18.22 -28.64 10.49
C GLY C 134 18.38 -29.52 11.71
N ASN C 135 17.80 -29.06 12.82
CA ASN C 135 17.83 -29.80 14.07
C ASN C 135 17.01 -31.09 13.88
N LEU C 136 15.75 -30.90 13.49
CA LEU C 136 14.83 -32.00 13.27
C LEU C 136 15.24 -32.92 12.12
N ASN C 137 16.51 -32.86 11.74
CA ASN C 137 17.02 -33.69 10.65
C ASN C 137 18.43 -34.15 10.95
N GLY C 138 18.92 -33.78 12.13
CA GLY C 138 20.26 -34.18 12.50
C GLY C 138 21.33 -33.64 11.60
N GLU C 139 21.09 -32.50 10.97
CA GLU C 139 22.11 -31.91 10.12
C GLU C 139 23.02 -31.21 11.12
N TRP C 140 22.47 -30.94 12.29
CA TRP C 140 23.19 -30.27 13.36
C TRP C 140 22.35 -30.29 14.63
N SER C 141 22.86 -29.68 15.68
CA SER C 141 22.13 -29.61 16.95
C SER C 141 22.39 -28.24 17.54
N ILE C 142 21.36 -27.40 17.52
CA ILE C 142 21.50 -26.06 18.06
C ILE C 142 20.43 -25.83 19.12
N ASN C 143 20.87 -25.52 20.33
CA ASN C 143 19.97 -25.26 21.44
C ASN C 143 19.53 -23.80 21.46
N ASP C 144 20.33 -22.93 20.86
CA ASP C 144 20.03 -21.50 20.83
C ASP C 144 19.74 -21.03 19.40
N VAL C 145 18.72 -21.61 18.80
CA VAL C 145 18.37 -21.26 17.43
C VAL C 145 18.16 -19.76 17.25
N ASN C 146 17.27 -19.17 18.02
CA ASN C 146 17.02 -17.74 17.88
C ASN C 146 18.32 -16.95 17.84
N ALA C 147 19.23 -17.29 18.76
CA ALA C 147 20.50 -16.60 18.84
C ALA C 147 21.32 -16.76 17.56
N VAL C 148 21.55 -18.00 17.15
CA VAL C 148 22.34 -18.29 15.96
C VAL C 148 21.75 -17.59 14.73
N SER C 149 20.43 -17.58 14.63
CA SER C 149 19.75 -16.92 13.53
C SER C 149 20.08 -15.43 13.46
N LYS C 150 20.06 -14.74 14.60
CA LYS C 150 20.37 -13.32 14.58
C LYS C 150 21.82 -13.14 14.16
N ILE C 151 22.69 -14.01 14.68
CA ILE C 151 24.11 -13.94 14.37
C ILE C 151 24.38 -14.19 12.88
N ALA C 152 23.77 -15.23 12.33
CA ALA C 152 23.96 -15.57 10.92
C ALA C 152 23.54 -14.39 10.07
N ALA C 153 22.30 -13.97 10.25
CA ALA C 153 21.76 -12.87 9.49
C ALA C 153 22.64 -11.62 9.53
N ASN C 154 23.00 -11.15 10.71
CA ASN C 154 23.83 -9.95 10.80
C ASN C 154 25.26 -10.11 10.27
N ALA C 155 25.83 -11.31 10.41
CA ALA C 155 27.18 -11.56 9.91
C ALA C 155 27.11 -11.57 8.39
N VAL C 156 26.13 -12.29 7.84
CA VAL C 156 25.96 -12.35 6.38
C VAL C 156 25.79 -10.93 5.85
N ASN C 157 24.91 -10.16 6.48
CA ASN C 157 24.70 -8.79 6.06
C ASN C 157 25.98 -7.97 6.07
N GLY C 158 26.87 -8.27 7.02
CA GLY C 158 28.13 -7.53 7.10
C GLY C 158 29.01 -7.85 5.93
N ILE C 159 28.99 -9.09 5.50
CA ILE C 159 29.79 -9.51 4.37
C ILE C 159 29.24 -8.84 3.11
N VAL C 160 27.93 -8.87 2.96
CA VAL C 160 27.26 -8.27 1.81
C VAL C 160 27.51 -6.76 1.69
N THR C 161 27.41 -6.06 2.81
CA THR C 161 27.57 -4.61 2.86
C THR C 161 28.97 -4.02 2.89
N PHE C 162 29.86 -4.65 3.63
CA PHE C 162 31.19 -4.09 3.78
C PHE C 162 32.23 -4.71 2.83
N THR C 163 31.79 -5.53 1.91
CA THR C 163 32.70 -6.17 0.97
C THR C 163 32.65 -5.53 -0.42
N HIS C 164 31.59 -4.77 -0.69
CA HIS C 164 31.37 -4.10 -1.98
C HIS C 164 32.61 -3.69 -2.79
N GLU C 165 33.78 -3.61 -2.15
CA GLU C 165 35.01 -3.22 -2.83
C GLU C 165 35.83 -4.34 -3.45
N GLN C 166 35.17 -5.31 -4.07
CA GLN C 166 35.86 -6.44 -4.69
C GLN C 166 35.00 -6.95 -5.83
N ASN C 167 35.60 -7.66 -6.78
CA ASN C 167 34.85 -8.21 -7.91
C ASN C 167 33.88 -9.29 -7.38
N ILE C 168 32.72 -9.38 -8.03
CA ILE C 168 31.67 -10.30 -7.60
C ILE C 168 32.01 -11.77 -7.43
N ASN C 169 32.99 -12.30 -8.16
CA ASN C 169 33.29 -13.70 -7.97
C ASN C 169 34.03 -13.94 -6.67
N GLU C 170 34.81 -12.94 -6.26
CA GLU C 170 35.55 -13.05 -5.02
C GLU C 170 34.53 -12.97 -3.89
N ARG C 171 33.66 -11.96 -3.95
CA ARG C 171 32.62 -11.77 -2.94
C ARG C 171 31.88 -13.10 -2.75
N ILE C 172 31.43 -13.69 -3.86
CA ILE C 172 30.71 -14.97 -3.81
C ILE C 172 31.56 -16.02 -3.10
N LYS C 173 32.81 -16.12 -3.53
CA LYS C 173 33.76 -17.09 -2.98
C LYS C 173 33.91 -16.92 -1.47
N LEU C 174 34.07 -15.68 -1.03
CA LEU C 174 34.22 -15.42 0.39
C LEU C 174 32.94 -15.78 1.12
N MET C 175 31.80 -15.38 0.58
CA MET C 175 30.54 -15.71 1.22
C MET C 175 30.42 -17.22 1.38
N ASN C 176 30.62 -17.95 0.29
CA ASN C 176 30.54 -19.41 0.37
C ASN C 176 31.53 -19.96 1.40
N LYS C 177 32.68 -19.29 1.56
CA LYS C 177 33.68 -19.73 2.52
C LYS C 177 33.18 -19.52 3.94
N PHE C 178 32.51 -18.40 4.17
CA PHE C 178 31.95 -18.11 5.48
C PHE C 178 30.88 -19.16 5.81
N SER C 179 30.01 -19.43 4.85
CA SER C 179 28.94 -20.40 5.06
C SER C 179 29.49 -21.75 5.48
N GLN C 180 30.71 -22.02 5.04
CA GLN C 180 31.36 -23.28 5.36
C GLN C 180 31.86 -23.30 6.78
N ILE C 181 32.58 -22.24 7.16
CA ILE C 181 33.15 -22.09 8.50
C ILE C 181 32.04 -22.11 9.55
N PHE C 182 31.02 -21.30 9.32
CA PHE C 182 29.90 -21.17 10.24
C PHE C 182 29.19 -22.50 10.43
N LEU C 183 28.89 -23.16 9.33
CA LEU C 183 28.20 -24.43 9.41
C LEU C 183 29.08 -25.48 10.08
N ASN C 184 30.38 -25.31 9.99
CA ASN C 184 31.28 -26.26 10.59
C ASN C 184 31.36 -26.06 12.10
N GLY C 185 31.23 -24.82 12.55
CA GLY C 185 31.29 -24.53 13.97
C GLY C 185 30.04 -24.88 14.75
N LEU C 186 29.14 -25.66 14.16
CA LEU C 186 27.90 -26.03 14.85
C LEU C 186 27.86 -27.50 15.26
N SER C 187 28.60 -28.34 14.53
CA SER C 187 28.63 -29.77 14.78
C SER C 187 29.31 -30.17 16.10
N ASN D 2 -2.63 21.95 10.13
CA ASN D 2 -3.71 21.60 9.18
C ASN D 2 -4.45 20.35 9.64
N LEU D 3 -4.80 20.28 10.92
CA LEU D 3 -5.55 19.13 11.42
C LEU D 3 -6.84 19.12 10.62
N LYS D 4 -7.29 20.33 10.24
CA LYS D 4 -8.50 20.48 9.45
C LYS D 4 -8.39 19.58 8.23
N ASP D 5 -7.28 19.70 7.52
CA ASP D 5 -7.03 18.91 6.32
C ASP D 5 -6.93 17.41 6.56
N LYS D 6 -6.36 17.01 7.68
CA LYS D 6 -6.21 15.60 7.99
C LYS D 6 -7.60 15.00 8.27
N ILE D 7 -8.46 15.79 8.91
CA ILE D 7 -9.81 15.35 9.24
C ILE D 7 -10.58 15.19 7.94
N LEU D 8 -10.52 16.21 7.09
CA LEU D 8 -11.20 16.17 5.81
C LEU D 8 -10.73 14.97 4.99
N GLY D 9 -9.41 14.78 4.93
CA GLY D 9 -8.83 13.68 4.17
C GLY D 9 -9.27 12.32 4.68
N VAL D 10 -9.17 12.14 5.99
CA VAL D 10 -9.55 10.89 6.62
C VAL D 10 -11.05 10.65 6.57
N ALA D 11 -11.84 11.69 6.78
CA ALA D 11 -13.29 11.53 6.75
C ALA D 11 -13.75 11.11 5.34
N LYS D 12 -13.26 11.81 4.32
CA LYS D 12 -13.63 11.49 2.95
C LYS D 12 -13.36 10.02 2.65
N GLU D 13 -12.18 9.53 3.03
CA GLU D 13 -11.87 8.13 2.76
C GLU D 13 -12.79 7.20 3.54
N LEU D 14 -13.00 7.49 4.81
CA LEU D 14 -13.88 6.68 5.64
C LEU D 14 -15.29 6.64 5.04
N PHE D 15 -15.82 7.78 4.66
CA PHE D 15 -17.13 7.79 4.04
C PHE D 15 -17.13 6.92 2.77
N ILE D 16 -16.05 6.98 1.99
CA ILE D 16 -15.98 6.18 0.78
C ILE D 16 -16.01 4.69 1.05
N LYS D 17 -15.19 4.25 1.98
CA LYS D 17 -15.10 2.85 2.32
C LYS D 17 -16.28 2.33 3.13
N ASN D 18 -16.77 3.12 4.08
CA ASN D 18 -17.86 2.70 4.97
C ASN D 18 -19.29 3.15 4.68
N GLY D 19 -19.44 4.29 4.01
CA GLY D 19 -20.78 4.81 3.77
C GLY D 19 -20.90 5.94 4.76
N TYR D 20 -22.04 6.62 4.81
CA TYR D 20 -22.19 7.73 5.77
C TYR D 20 -22.49 7.30 7.21
N ASN D 21 -23.38 6.32 7.40
CA ASN D 21 -23.77 5.88 8.74
C ASN D 21 -22.70 5.25 9.62
N ALA D 22 -22.01 4.24 9.10
CA ALA D 22 -20.98 3.55 9.88
C ALA D 22 -19.74 4.38 10.16
N THR D 23 -19.71 5.62 9.68
CA THR D 23 -18.54 6.44 9.89
C THR D 23 -18.77 7.40 11.06
N THR D 24 -18.16 7.10 12.20
CA THR D 24 -18.34 7.95 13.38
C THR D 24 -17.30 9.04 13.50
N THR D 25 -17.68 10.10 14.20
CA THR D 25 -16.81 11.23 14.43
C THR D 25 -15.56 10.72 15.16
N GLY D 26 -15.73 9.61 15.88
CA GLY D 26 -14.63 9.00 16.62
C GLY D 26 -13.51 8.42 15.75
N GLU D 27 -13.86 7.55 14.80
CA GLU D 27 -12.87 6.96 13.89
C GLU D 27 -12.10 8.06 13.19
N ILE D 28 -12.82 9.05 12.68
CA ILE D 28 -12.19 10.15 12.01
C ILE D 28 -11.11 10.71 12.91
N VAL D 29 -11.53 11.17 14.08
CA VAL D 29 -10.61 11.76 15.04
C VAL D 29 -9.43 10.85 15.34
N LYS D 30 -9.70 9.57 15.57
CA LYS D 30 -8.63 8.61 15.85
C LYS D 30 -7.57 8.58 14.73
N LEU D 31 -8.00 8.21 13.53
CA LEU D 31 -7.12 8.13 12.38
C LEU D 31 -6.55 9.46 11.88
N SER D 32 -7.10 10.58 12.37
CA SER D 32 -6.61 11.89 11.95
C SER D 32 -5.71 12.52 12.99
N GLU D 33 -5.36 11.74 14.02
CA GLU D 33 -4.51 12.24 15.10
C GLU D 33 -5.07 13.57 15.60
N SER D 34 -6.29 13.52 16.12
CA SER D 34 -6.95 14.70 16.63
C SER D 34 -7.91 14.29 17.74
N SER D 35 -8.76 15.22 18.15
CA SER D 35 -9.75 14.96 19.20
C SER D 35 -11.12 15.47 18.72
N LYS D 36 -12.17 14.82 19.21
CA LYS D 36 -13.54 15.21 18.85
C LYS D 36 -13.66 16.69 19.07
N GLY D 37 -13.09 17.14 20.19
CA GLY D 37 -13.12 18.56 20.51
C GLY D 37 -12.63 19.36 19.32
N ASN D 38 -11.41 19.08 18.90
CA ASN D 38 -10.85 19.80 17.78
C ASN D 38 -11.73 19.70 16.52
N LEU D 39 -12.22 18.51 16.22
CA LEU D 39 -13.08 18.30 15.06
C LEU D 39 -14.40 19.07 15.12
N TYR D 40 -15.07 19.04 16.27
CA TYR D 40 -16.34 19.75 16.41
C TYR D 40 -16.16 21.25 16.30
N TYR D 41 -14.96 21.73 16.60
CA TYR D 41 -14.67 23.15 16.48
C TYR D 41 -14.66 23.59 15.01
N HIS D 42 -13.86 22.90 14.21
CA HIS D 42 -13.71 23.17 12.78
C HIS D 42 -14.94 22.91 11.91
N PHE D 43 -15.75 21.96 12.34
CA PHE D 43 -16.98 21.60 11.65
C PHE D 43 -17.99 21.47 12.78
N LYS D 44 -19.13 22.14 12.66
CA LYS D 44 -20.13 22.10 13.72
C LYS D 44 -20.59 20.67 14.00
N THR D 45 -20.92 19.95 12.94
CA THR D 45 -21.41 18.60 13.10
C THR D 45 -20.87 17.68 12.02
N LYS D 46 -21.18 16.40 12.16
CA LYS D 46 -20.75 15.41 11.18
C LYS D 46 -21.39 15.73 9.84
N GLU D 47 -22.68 16.02 9.85
CA GLU D 47 -23.40 16.33 8.63
C GLU D 47 -22.80 17.55 7.94
N ASN D 48 -22.38 18.53 8.74
CA ASN D 48 -21.79 19.73 8.18
C ASN D 48 -20.43 19.37 7.57
N LEU D 49 -19.70 18.51 8.25
CA LEU D 49 -18.39 18.05 7.78
C LEU D 49 -18.56 17.32 6.46
N PHE D 50 -19.57 16.47 6.40
CA PHE D 50 -19.83 15.72 5.19
C PHE D 50 -20.15 16.69 4.08
N LEU D 51 -21.00 17.64 4.39
CA LEU D 51 -21.43 18.65 3.43
C LEU D 51 -20.26 19.44 2.87
N GLU D 52 -19.23 19.66 3.67
CA GLU D 52 -18.09 20.41 3.18
C GLU D 52 -17.28 19.56 2.22
N ILE D 53 -17.03 18.31 2.58
CA ILE D 53 -16.30 17.40 1.72
C ILE D 53 -17.01 17.34 0.37
N LEU D 54 -18.33 17.26 0.41
CA LEU D 54 -19.15 17.20 -0.80
C LEU D 54 -18.86 18.40 -1.70
N ASN D 55 -18.80 19.58 -1.09
CA ASN D 55 -18.52 20.80 -1.83
C ASN D 55 -17.17 20.71 -2.54
N ILE D 56 -16.12 20.36 -1.79
CA ILE D 56 -14.78 20.23 -2.39
C ILE D 56 -14.82 19.23 -3.56
N GLU D 57 -15.30 18.02 -3.30
CA GLU D 57 -15.38 17.00 -4.34
C GLU D 57 -16.03 17.58 -5.60
N GLU D 58 -17.18 18.23 -5.41
CA GLU D 58 -17.92 18.84 -6.50
C GLU D 58 -17.06 19.84 -7.26
N SER D 59 -16.42 20.75 -6.53
CA SER D 59 -15.57 21.74 -7.14
C SER D 59 -14.36 21.10 -7.85
N LYS D 60 -13.70 20.16 -7.17
CA LYS D 60 -12.55 19.48 -7.76
C LYS D 60 -12.94 18.86 -9.10
N TRP D 61 -14.15 18.31 -9.15
CA TRP D 61 -14.69 17.66 -10.35
C TRP D 61 -14.96 18.65 -11.49
N GLN D 62 -15.52 19.81 -11.15
CA GLN D 62 -15.81 20.80 -12.18
C GLN D 62 -14.50 21.30 -12.79
N GLU D 63 -13.53 21.57 -11.92
CA GLU D 63 -12.24 22.06 -12.35
C GLU D 63 -11.58 21.05 -13.28
N GLN D 64 -11.80 19.77 -13.01
CA GLN D 64 -11.22 18.74 -13.84
C GLN D 64 -11.95 18.67 -15.18
N TRP D 65 -13.28 18.74 -15.15
CA TRP D 65 -14.06 18.69 -16.37
C TRP D 65 -13.74 19.90 -17.23
N LYS D 66 -13.56 21.04 -16.59
CA LYS D 66 -13.26 22.28 -17.26
C LYS D 66 -12.01 22.11 -18.11
N LYS D 67 -11.05 21.34 -17.60
CA LYS D 67 -9.81 21.11 -18.32
C LYS D 67 -9.97 20.03 -19.37
N GLU D 68 -10.46 18.88 -18.97
CA GLU D 68 -10.63 17.78 -19.88
C GLU D 68 -11.48 18.10 -21.13
N GLN D 69 -12.60 18.79 -20.94
CA GLN D 69 -13.49 19.08 -22.07
C GLN D 69 -12.86 19.72 -23.30
N ILE D 70 -11.80 20.50 -23.08
CA ILE D 70 -11.11 21.15 -24.17
C ILE D 70 -10.66 20.10 -25.19
N LYS D 71 -10.45 18.87 -24.71
CA LYS D 71 -9.98 17.76 -25.54
C LYS D 71 -11.03 17.18 -26.46
N ALA D 72 -12.27 17.64 -26.31
CA ALA D 72 -13.35 17.12 -27.13
C ALA D 72 -13.95 18.19 -28.04
N LYS D 73 -13.76 18.00 -29.34
CA LYS D 73 -14.23 18.89 -30.39
C LYS D 73 -15.75 19.12 -30.34
N THR D 74 -16.50 18.05 -30.60
CA THR D 74 -17.95 18.09 -30.63
C THR D 74 -18.60 17.65 -29.31
N ASN D 75 -19.81 18.13 -29.05
CA ASN D 75 -20.56 17.80 -27.85
C ASN D 75 -20.86 16.32 -27.89
N ARG D 76 -20.91 15.80 -29.09
CA ARG D 76 -21.16 14.38 -29.34
C ARG D 76 -20.03 13.68 -28.59
N GLU D 77 -18.82 14.23 -28.74
CA GLU D 77 -17.63 13.69 -28.12
C GLU D 77 -17.53 14.04 -26.62
N LYS D 78 -17.85 15.29 -26.26
CA LYS D 78 -17.77 15.67 -24.86
C LYS D 78 -18.62 14.72 -24.03
N PHE D 79 -19.70 14.23 -24.59
CA PHE D 79 -20.56 13.32 -23.84
C PHE D 79 -19.80 12.02 -23.57
N TYR D 80 -19.14 11.47 -24.59
CA TYR D 80 -18.37 10.23 -24.46
C TYR D 80 -17.28 10.37 -23.41
N LEU D 81 -16.53 11.47 -23.53
CA LEU D 81 -15.43 11.79 -22.64
C LEU D 81 -15.87 12.02 -21.19
N TYR D 82 -16.99 12.70 -21.00
CA TYR D 82 -17.45 12.96 -19.66
C TYR D 82 -17.83 11.68 -18.90
N ASN D 83 -18.50 10.76 -19.57
CA ASN D 83 -18.93 9.52 -18.91
C ASN D 83 -17.73 8.66 -18.58
N GLU D 84 -16.74 8.69 -19.46
CA GLU D 84 -15.53 7.91 -19.28
C GLU D 84 -14.76 8.53 -18.09
N LEU D 85 -14.80 9.85 -18.02
CA LEU D 85 -14.14 10.56 -16.94
C LEU D 85 -14.76 10.12 -15.61
N SER D 86 -16.09 10.00 -15.59
CA SER D 86 -16.81 9.58 -14.40
C SER D 86 -16.26 8.27 -13.86
N LEU D 87 -15.83 7.40 -14.78
CA LEU D 87 -15.27 6.10 -14.44
C LEU D 87 -13.88 6.14 -13.81
N THR D 88 -13.07 7.13 -14.18
CA THR D 88 -11.71 7.17 -13.70
C THR D 88 -11.37 8.24 -12.67
N THR D 89 -12.21 9.26 -12.53
CA THR D 89 -11.92 10.33 -11.58
C THR D 89 -11.96 9.79 -10.15
N GLU D 90 -11.28 10.48 -9.26
CA GLU D 90 -11.27 10.07 -7.87
C GLU D 90 -12.18 11.07 -7.16
N TYR D 91 -12.79 11.95 -7.95
CA TYR D 91 -13.66 12.98 -7.41
C TYR D 91 -15.15 12.70 -7.49
N TYR D 92 -15.82 13.03 -6.39
CA TYR D 92 -17.26 12.89 -6.25
C TYR D 92 -17.86 11.52 -6.45
N TYR D 93 -17.66 10.91 -7.62
CA TYR D 93 -18.26 9.61 -7.88
C TYR D 93 -17.98 8.49 -6.87
N PRO D 94 -16.78 8.47 -6.27
CA PRO D 94 -16.50 7.40 -5.28
C PRO D 94 -17.33 7.51 -4.00
N LEU D 95 -17.96 8.67 -3.83
CA LEU D 95 -18.77 8.98 -2.65
C LEU D 95 -20.29 8.72 -2.77
N GLN D 96 -20.79 8.53 -3.99
CA GLN D 96 -22.20 8.31 -4.22
C GLN D 96 -22.94 7.51 -3.17
N ASN D 97 -22.42 6.34 -2.84
CA ASN D 97 -23.10 5.53 -1.85
C ASN D 97 -23.38 6.31 -0.57
N ALA D 98 -22.41 7.07 -0.11
CA ALA D 98 -22.61 7.87 1.08
C ALA D 98 -23.53 9.05 0.79
N ILE D 99 -23.48 9.59 -0.42
CA ILE D 99 -24.34 10.73 -0.74
C ILE D 99 -25.79 10.33 -0.56
N ILE D 100 -26.21 9.23 -1.18
CA ILE D 100 -27.61 8.81 -1.05
C ILE D 100 -28.01 8.58 0.40
N GLU D 101 -27.23 7.78 1.13
CA GLU D 101 -27.53 7.53 2.53
C GLU D 101 -27.80 8.85 3.23
N PHE D 102 -26.89 9.79 3.05
CA PHE D 102 -27.00 11.11 3.65
C PHE D 102 -28.27 11.82 3.21
N TYR D 103 -28.53 11.80 1.91
CA TYR D 103 -29.70 12.46 1.36
C TYR D 103 -31.03 11.89 1.86
N THR D 104 -31.17 10.57 1.88
CA THR D 104 -32.42 9.97 2.35
C THR D 104 -32.59 10.20 3.84
N GLU D 105 -31.48 10.32 4.55
CA GLU D 105 -31.53 10.54 5.98
C GLU D 105 -31.83 11.97 6.39
N TYR D 106 -31.39 12.94 5.60
CA TYR D 106 -31.61 14.34 5.94
C TYR D 106 -32.27 15.17 4.87
N TYR D 107 -33.12 14.56 4.03
CA TYR D 107 -33.77 15.35 3.00
C TYR D 107 -34.97 16.08 3.59
N LYS D 108 -35.38 15.67 4.78
CA LYS D 108 -36.50 16.29 5.47
C LYS D 108 -36.05 17.60 6.12
N THR D 109 -34.75 17.75 6.31
CA THR D 109 -34.20 18.95 6.92
C THR D 109 -34.15 20.11 5.92
N ASN D 110 -34.82 21.20 6.26
CA ASN D 110 -34.90 22.40 5.44
C ASN D 110 -33.57 22.79 4.78
N SER D 111 -32.60 23.15 5.62
CA SER D 111 -31.28 23.58 5.15
C SER D 111 -30.50 22.51 4.37
N ILE D 112 -30.26 21.37 5.02
CA ILE D 112 -29.50 20.30 4.39
C ILE D 112 -30.01 20.02 2.99
N ASN D 113 -31.33 19.90 2.85
CA ASN D 113 -31.95 19.62 1.56
C ASN D 113 -31.65 20.67 0.48
N GLU D 114 -31.59 21.93 0.86
CA GLU D 114 -31.32 22.97 -0.12
C GLU D 114 -29.88 22.90 -0.61
N LYS D 115 -28.95 22.89 0.34
CA LYS D 115 -27.53 22.82 -0.01
C LYS D 115 -27.35 21.61 -0.93
N MET D 116 -28.03 20.54 -0.56
CA MET D 116 -27.99 19.27 -1.27
C MET D 116 -28.50 19.35 -2.70
N ASN D 117 -29.64 20.01 -2.90
CA ASN D 117 -30.21 20.14 -4.23
C ASN D 117 -29.40 21.09 -5.09
N LYS D 118 -28.75 22.06 -4.45
CA LYS D 118 -27.93 23.01 -5.16
C LYS D 118 -26.70 22.26 -5.71
N LEU D 119 -26.27 21.23 -4.99
CA LEU D 119 -25.15 20.40 -5.44
C LEU D 119 -25.67 19.51 -6.56
N GLU D 120 -26.78 18.81 -6.31
CA GLU D 120 -27.35 17.91 -7.32
C GLU D 120 -27.42 18.63 -8.67
N ASN D 121 -27.63 19.95 -8.62
CA ASN D 121 -27.71 20.75 -9.84
C ASN D 121 -26.37 20.77 -10.56
N LYS D 122 -25.37 21.35 -9.90
CA LYS D 122 -24.02 21.45 -10.44
C LYS D 122 -23.63 20.30 -11.35
N TYR D 123 -23.97 19.07 -10.96
CA TYR D 123 -23.63 17.92 -11.78
C TYR D 123 -24.42 17.92 -13.06
N ILE D 124 -25.74 17.78 -12.93
CA ILE D 124 -26.60 17.77 -14.09
C ILE D 124 -26.20 18.90 -15.04
N ASP D 125 -25.82 20.05 -14.46
CA ASP D 125 -25.43 21.20 -15.26
C ASP D 125 -24.47 20.85 -16.40
N ALA D 126 -23.55 19.93 -16.13
CA ALA D 126 -22.59 19.53 -17.15
C ALA D 126 -23.33 18.87 -18.31
N TYR D 127 -24.18 17.89 -17.99
CA TYR D 127 -24.97 17.19 -19.00
C TYR D 127 -25.91 18.19 -19.68
N HIS D 128 -26.40 19.13 -18.89
CA HIS D 128 -27.30 20.17 -19.38
C HIS D 128 -26.58 20.94 -20.49
N VAL D 129 -25.42 21.49 -20.14
CA VAL D 129 -24.60 22.26 -21.08
C VAL D 129 -24.21 21.52 -22.36
N ILE D 130 -23.98 20.23 -22.25
CA ILE D 130 -23.60 19.44 -23.41
C ILE D 130 -24.80 19.24 -24.35
N PHE D 131 -25.96 18.92 -23.79
CA PHE D 131 -27.18 18.71 -24.57
C PHE D 131 -27.69 20.00 -25.20
N LYS D 132 -27.74 21.07 -24.42
CA LYS D 132 -28.19 22.35 -24.96
C LYS D 132 -27.27 22.75 -26.11
N GLU D 133 -25.98 22.89 -25.79
CA GLU D 133 -24.98 23.27 -26.78
C GLU D 133 -25.04 22.34 -27.97
N GLY D 134 -25.42 21.10 -27.73
CA GLY D 134 -25.54 20.13 -28.81
C GLY D 134 -26.72 20.45 -29.71
N ASN D 135 -27.81 20.91 -29.10
CA ASN D 135 -29.02 21.26 -29.86
C ASN D 135 -28.74 22.38 -30.85
N LEU D 136 -28.17 23.47 -30.36
CA LEU D 136 -27.88 24.62 -31.20
C LEU D 136 -26.63 24.46 -32.07
N ASN D 137 -26.11 23.25 -32.16
CA ASN D 137 -24.96 22.96 -33.01
C ASN D 137 -25.41 21.85 -33.93
N GLY D 138 -26.71 21.59 -33.88
CA GLY D 138 -27.33 20.58 -34.72
C GLY D 138 -26.82 19.16 -34.57
N GLU D 139 -26.31 18.81 -33.40
CA GLU D 139 -25.83 17.45 -33.20
C GLU D 139 -27.00 16.58 -32.82
N TRP D 140 -28.11 17.21 -32.47
CA TRP D 140 -29.32 16.50 -32.08
C TRP D 140 -30.40 17.51 -31.66
N SER D 141 -31.61 17.00 -31.46
CA SER D 141 -32.70 17.85 -31.03
C SER D 141 -33.34 17.15 -29.84
N ILE D 142 -33.29 17.78 -28.67
CA ILE D 142 -33.85 17.17 -27.46
C ILE D 142 -35.13 17.81 -26.93
N ASN D 143 -36.12 16.96 -26.68
CA ASN D 143 -37.39 17.38 -26.12
C ASN D 143 -37.18 18.31 -24.93
N ASP D 144 -36.94 17.73 -23.76
CA ASP D 144 -36.68 18.52 -22.54
C ASP D 144 -35.32 18.15 -21.96
N VAL D 145 -34.33 18.97 -22.30
CA VAL D 145 -32.95 18.79 -21.85
C VAL D 145 -32.83 18.37 -20.38
N ASN D 146 -33.46 19.12 -19.48
CA ASN D 146 -33.41 18.82 -18.06
C ASN D 146 -33.71 17.36 -17.73
N ALA D 147 -34.68 16.79 -18.43
CA ALA D 147 -35.05 15.40 -18.21
C ALA D 147 -33.87 14.52 -18.60
N VAL D 148 -33.58 14.51 -19.89
CA VAL D 148 -32.48 13.71 -20.44
C VAL D 148 -31.18 13.87 -19.64
N SER D 149 -30.90 15.08 -19.16
CA SER D 149 -29.71 15.34 -18.36
C SER D 149 -29.74 14.53 -17.05
N LYS D 150 -30.92 14.45 -16.43
CA LYS D 150 -31.04 13.70 -15.19
C LYS D 150 -30.94 12.20 -15.50
N ILE D 151 -31.43 11.79 -16.67
CA ILE D 151 -31.36 10.39 -17.03
C ILE D 151 -29.89 10.03 -17.22
N ALA D 152 -29.22 10.78 -18.08
CA ALA D 152 -27.82 10.55 -18.34
C ALA D 152 -27.05 10.45 -17.03
N ALA D 153 -27.00 11.56 -16.29
CA ALA D 153 -26.27 11.59 -15.02
C ALA D 153 -26.52 10.38 -14.13
N ASN D 154 -27.78 10.11 -13.83
CA ASN D 154 -28.13 8.98 -12.98
C ASN D 154 -27.84 7.60 -13.57
N ALA D 155 -27.94 7.47 -14.89
CA ALA D 155 -27.66 6.18 -15.51
C ALA D 155 -26.16 5.93 -15.51
N VAL D 156 -25.39 6.94 -15.87
CA VAL D 156 -23.93 6.81 -15.88
C VAL D 156 -23.44 6.55 -14.46
N ASN D 157 -24.07 7.20 -13.51
CA ASN D 157 -23.70 7.05 -12.11
C ASN D 157 -23.91 5.58 -11.73
N GLY D 158 -24.87 4.94 -12.39
CA GLY D 158 -25.16 3.55 -12.10
C GLY D 158 -24.15 2.61 -12.71
N ILE D 159 -23.62 2.97 -13.87
CA ILE D 159 -22.61 2.16 -14.52
C ILE D 159 -21.33 2.31 -13.73
N VAL D 160 -21.08 3.51 -13.24
CA VAL D 160 -19.88 3.78 -12.46
C VAL D 160 -19.86 3.07 -11.09
N THR D 161 -20.94 3.12 -10.33
CA THR D 161 -20.89 2.48 -9.03
C THR D 161 -21.28 1.00 -8.98
N PHE D 162 -21.76 0.44 -10.09
CA PHE D 162 -22.14 -0.97 -10.10
C PHE D 162 -21.24 -1.84 -10.98
N THR D 163 -20.12 -1.29 -11.43
CA THR D 163 -19.17 -2.04 -12.22
C THR D 163 -17.80 -1.86 -11.58
N HIS D 164 -17.78 -1.36 -10.35
CA HIS D 164 -16.55 -1.14 -9.59
C HIS D 164 -15.75 -2.42 -9.39
N GLU D 165 -16.24 -3.52 -9.99
CA GLU D 165 -15.56 -4.80 -9.89
C GLU D 165 -14.52 -4.95 -11.00
N GLN D 166 -15.01 -5.21 -12.21
CA GLN D 166 -14.16 -5.41 -13.38
C GLN D 166 -12.98 -4.45 -13.46
N ASN D 167 -12.05 -4.73 -14.39
CA ASN D 167 -10.89 -3.87 -14.57
C ASN D 167 -11.36 -2.66 -15.36
N ILE D 168 -10.68 -1.53 -15.21
CA ILE D 168 -11.12 -0.31 -15.86
C ILE D 168 -11.22 -0.32 -17.37
N ASN D 169 -10.29 -0.99 -18.03
CA ASN D 169 -10.32 -1.05 -19.48
C ASN D 169 -11.66 -1.60 -19.96
N GLU D 170 -12.23 -2.54 -19.20
CA GLU D 170 -13.51 -3.16 -19.53
C GLU D 170 -14.68 -2.22 -19.18
N ARG D 171 -14.50 -1.46 -18.10
CA ARG D 171 -15.51 -0.51 -17.69
C ARG D 171 -15.61 0.55 -18.77
N ILE D 172 -14.46 1.07 -19.18
CA ILE D 172 -14.42 2.08 -20.24
C ILE D 172 -15.19 1.54 -21.45
N LYS D 173 -14.97 0.26 -21.75
CA LYS D 173 -15.61 -0.37 -22.89
C LYS D 173 -17.13 -0.37 -22.78
N LEU D 174 -17.64 -0.73 -21.62
CA LEU D 174 -19.09 -0.75 -21.40
C LEU D 174 -19.64 0.67 -21.44
N MET D 175 -18.99 1.59 -20.74
CA MET D 175 -19.43 2.97 -20.72
C MET D 175 -19.51 3.56 -22.13
N ASN D 176 -18.60 3.14 -23.01
CA ASN D 176 -18.64 3.67 -24.38
C ASN D 176 -19.83 3.12 -25.14
N LYS D 177 -20.13 1.83 -24.96
CA LYS D 177 -21.28 1.27 -25.66
C LYS D 177 -22.49 2.03 -25.17
N PHE D 178 -22.59 2.26 -23.86
CA PHE D 178 -23.71 3.01 -23.30
C PHE D 178 -23.81 4.36 -24.01
N SER D 179 -22.76 5.17 -23.89
CA SER D 179 -22.79 6.47 -24.52
C SER D 179 -23.24 6.40 -25.97
N GLN D 180 -22.89 5.31 -26.66
CA GLN D 180 -23.28 5.15 -28.05
C GLN D 180 -24.76 4.85 -28.16
N ILE D 181 -25.22 3.78 -27.51
CA ILE D 181 -26.63 3.41 -27.54
C ILE D 181 -27.46 4.65 -27.23
N PHE D 182 -27.14 5.30 -26.12
CA PHE D 182 -27.87 6.47 -25.68
C PHE D 182 -27.80 7.62 -26.68
N LEU D 183 -26.60 8.13 -26.91
CA LEU D 183 -26.43 9.24 -27.84
C LEU D 183 -27.16 8.97 -29.14
N ASN D 184 -27.22 7.69 -29.50
CA ASN D 184 -27.87 7.29 -30.73
C ASN D 184 -29.38 7.44 -30.63
N GLY D 185 -29.96 7.01 -29.53
CA GLY D 185 -31.39 7.09 -29.35
C GLY D 185 -31.95 8.49 -29.14
N LEU D 186 -31.27 9.51 -29.66
CA LEU D 186 -31.73 10.89 -29.52
C LEU D 186 -32.17 11.54 -30.85
S SO4 E . 40.10 6.55 25.32
O1 SO4 E . 40.11 5.10 25.08
O2 SO4 E . 38.75 7.00 25.68
O3 SO4 E . 40.54 7.24 24.09
O4 SO4 E . 41.03 6.88 26.41
S SO4 F . -21.04 -6.41 13.12
O1 SO4 F . -21.39 -7.67 13.80
O2 SO4 F . -22.26 -5.80 12.54
O3 SO4 F . -20.08 -6.67 12.04
O4 SO4 F . -20.46 -5.47 14.10
S SO4 G . -46.88 -8.99 -1.92
O1 SO4 G . -47.77 -9.38 -3.01
O2 SO4 G . -47.61 -8.17 -0.93
O3 SO4 G . -45.76 -8.20 -2.47
O4 SO4 G . -46.34 -10.19 -1.24
S SO4 H . -32.13 -3.10 -37.96
O1 SO4 H . -32.13 -4.57 -37.96
O2 SO4 H . -33.39 -2.60 -37.37
O3 SO4 H . -32.01 -2.61 -39.35
O4 SO4 H . -30.99 -2.60 -37.17
S SO4 I . 5.73 19.31 -3.53
O1 SO4 I . 4.32 19.73 -3.56
O2 SO4 I . 6.08 18.67 -4.82
O3 SO4 I . 5.93 18.35 -2.42
O4 SO4 I . 6.59 20.49 -3.32
S SO4 J . -4.91 17.51 -2.78
O1 SO4 J . -3.49 17.29 -3.12
O2 SO4 J . -5.75 16.80 -3.79
O3 SO4 J . -5.21 18.95 -2.82
O4 SO4 J . -5.21 16.98 -1.45
S SO4 K . -7.96 2.84 -2.07
O1 SO4 K . -8.28 1.91 -0.97
O2 SO4 K . -8.46 2.27 -3.35
O3 SO4 K . -6.50 2.97 -2.16
O4 SO4 K . -8.56 4.16 -1.83
S SO4 L . -6.41 -0.13 4.17
O1 SO4 L . -6.53 0.67 5.40
O2 SO4 L . -5.48 -1.27 4.41
O3 SO4 L . -5.88 0.70 3.07
O4 SO4 L . -7.73 -0.66 3.79
S SO4 M . 15.18 -40.36 1.04
O1 SO4 M . 14.91 -41.81 1.14
O2 SO4 M . 13.93 -39.62 1.32
O3 SO4 M . 15.63 -40.05 -0.34
O4 SO4 M . 16.23 -39.95 1.99
S SO4 N . 10.61 -23.16 17.95
O1 SO4 N . 9.96 -24.34 18.58
O2 SO4 N . 9.84 -22.77 16.76
O3 SO4 N . 11.99 -23.51 17.55
O4 SO4 N . 10.65 -22.05 18.91
S SO4 O . -17.67 7.61 18.41
O1 SO4 O . -16.62 8.01 19.37
O2 SO4 O . -17.33 6.30 17.83
O3 SO4 O . -17.77 8.63 17.34
O4 SO4 O . -18.97 7.55 19.10
S SO4 P . -22.44 14.17 15.29
O1 SO4 P . -21.36 13.18 15.13
O2 SO4 P . -23.66 13.67 14.63
O3 SO4 P . -22.04 15.45 14.67
O4 SO4 P . -22.68 14.37 16.73
S SO4 Q . -5.47 23.41 13.64
O1 SO4 Q . -4.81 23.73 14.92
O2 SO4 Q . -4.50 22.79 12.73
O3 SO4 Q . -5.99 24.66 13.03
O4 SO4 Q . -6.59 22.48 13.89
S SO4 R . -32.54 26.09 -21.52
O1 SO4 R . -31.57 25.41 -22.38
O2 SO4 R . -33.54 25.12 -21.03
O3 SO4 R . -33.23 27.15 -22.28
O4 SO4 R . -31.85 26.70 -20.36
#